data_1XV2
#
_entry.id   1XV2
#
_cell.length_a   48.434
_cell.length_b   160.005
_cell.length_c   68.056
_cell.angle_alpha   90.00
_cell.angle_beta   107.55
_cell.angle_gamma   90.00
#
_symmetry.space_group_name_H-M   'P 1 21 1'
#
loop_
_entity.id
_entity.type
_entity.pdbx_description
1 polymer 'hypothetical protein, similar to alpha-acetolactate decarboxylase'
2 non-polymer 'ZINC ION'
3 water water
#
_entity_poly.entity_id   1
_entity_poly.type   'polypeptide(L)'
_entity_poly.pdbx_seq_one_letter_code
;SNA(MSE)TNVLYQHGTLGTL(MSE)AGLLEGTATINELLEHGNLGIATLTGSDGEVIFLDGKAYHANEHKEFIELKGDE
KVPYASITNFKASKTFPLQQLSQDDVFAQIKNE(MSE)LSENLFSAVKIYGTFKH(MSE)HVR(MSE)(MSE)PAQQPPY
TRLIDSARRQPEEKRQDIRGAIVGFFTPELFHGVGSAGFHIHFADDERAYGGHVLDFEVDDVVVEIQNFETFQQHFPVNN
ETFVKAKIDYKDVAEEIREAE
;
_entity_poly.pdbx_strand_id   A,B,C,D
#
loop_
_chem_comp.id
_chem_comp.type
_chem_comp.name
_chem_comp.formula
ZN non-polymer 'ZINC ION' 'Zn 2'
#
# COMPACT_ATOMS: atom_id res chain seq x y z
N ASN A 6 29.15 25.40 -0.49
CA ASN A 6 28.32 24.19 -0.82
C ASN A 6 28.17 23.29 0.40
N VAL A 7 27.29 23.68 1.31
CA VAL A 7 27.07 22.92 2.54
C VAL A 7 25.64 22.44 2.71
N LEU A 8 25.49 21.17 3.05
CA LEU A 8 24.18 20.59 3.28
C LEU A 8 24.03 20.52 4.80
N TYR A 9 22.98 21.14 5.32
CA TYR A 9 22.74 21.14 6.76
C TYR A 9 21.65 20.16 7.15
N GLN A 10 21.92 19.35 8.16
CA GLN A 10 20.93 18.39 8.62
C GLN A 10 20.78 18.43 10.14
N HIS A 11 19.55 18.52 10.59
CA HIS A 11 19.25 18.54 12.02
C HIS A 11 18.64 17.18 12.34
N GLY A 12 19.33 16.42 13.19
CA GLY A 12 18.83 15.10 13.53
C GLY A 12 19.13 14.18 12.36
N THR A 13 18.69 12.93 12.45
CA THR A 13 18.94 11.96 11.38
C THR A 13 17.71 11.13 11.06
N LEU A 14 17.71 10.49 9.90
CA LEU A 14 16.58 9.67 9.50
C LEU A 14 16.49 8.39 10.33
N GLY A 15 17.63 7.79 10.62
CA GLY A 15 17.65 6.57 11.40
C GLY A 15 17.11 6.74 12.82
N THR A 16 17.43 7.86 13.46
CA THR A 16 16.98 8.13 14.81
C THR A 16 15.50 8.49 14.81
N LEU A 17 15.04 9.14 13.73
CA LEU A 17 13.63 9.50 13.61
C LEU A 17 12.88 8.17 13.50
N MSE A 18 13.34 7.30 12.61
CA MSE A 18 12.72 6.00 12.39
C MSE A 18 12.65 5.19 13.69
O MSE A 18 11.75 4.38 13.88
CB MSE A 18 13.52 5.19 11.36
CG MSE A 18 13.50 5.74 9.94
SE MSE A 18 11.76 5.66 9.09
CE MSE A 18 11.65 3.78 8.77
N ALA A 19 13.63 5.43 14.56
CA ALA A 19 13.70 4.73 15.84
C ALA A 19 12.61 5.14 16.82
N GLY A 20 11.91 6.23 16.53
CA GLY A 20 10.83 6.64 17.42
C GLY A 20 11.03 7.95 18.17
N LEU A 21 12.14 8.63 17.93
CA LEU A 21 12.38 9.91 18.60
C LEU A 21 11.78 11.02 17.75
N LEU A 22 10.50 11.27 17.96
CA LEU A 22 9.78 12.27 17.19
C LEU A 22 9.60 13.65 17.84
N GLU A 23 10.23 13.86 19.00
CA GLU A 23 10.12 15.16 19.66
C GLU A 23 10.71 16.29 18.81
N GLY A 24 10.02 17.43 18.76
CA GLY A 24 10.53 18.56 18.01
C GLY A 24 11.73 19.09 18.76
N THR A 25 12.88 19.19 18.10
CA THR A 25 14.08 19.65 18.78
C THR A 25 14.72 20.89 18.16
N ALA A 26 14.16 21.35 17.05
CA ALA A 26 14.66 22.55 16.38
C ALA A 26 13.46 23.31 15.84
N THR A 27 13.62 24.62 15.70
CA THR A 27 12.56 25.49 15.23
C THR A 27 12.65 25.72 13.72
N ILE A 28 11.50 25.94 13.08
CA ILE A 28 11.49 26.21 11.64
C ILE A 28 12.39 27.41 11.34
N ASN A 29 12.24 28.46 12.13
CA ASN A 29 13.04 29.67 11.97
C ASN A 29 14.53 29.38 12.10
N GLU A 30 14.89 28.49 13.02
CA GLU A 30 16.29 28.14 13.22
C GLU A 30 16.83 27.41 11.99
N LEU A 31 15.99 26.57 11.38
CA LEU A 31 16.40 25.83 10.18
C LEU A 31 16.60 26.78 9.01
N LEU A 32 15.69 27.74 8.86
CA LEU A 32 15.77 28.70 7.77
C LEU A 32 17.06 29.51 7.81
N GLU A 33 17.67 29.57 8.99
CA GLU A 33 18.92 30.31 9.14
C GLU A 33 20.02 29.60 8.34
N HIS A 34 19.85 28.31 8.12
CA HIS A 34 20.84 27.52 7.38
C HIS A 34 20.49 27.26 5.91
N GLY A 35 19.30 27.66 5.47
CA GLY A 35 18.95 27.42 4.08
C GLY A 35 17.63 28.00 3.61
N ASN A 36 17.31 27.71 2.35
CA ASN A 36 16.08 28.18 1.72
C ASN A 36 15.40 27.08 0.91
N LEU A 37 16.04 25.91 0.86
CA LEU A 37 15.48 24.77 0.12
C LEU A 37 15.75 23.48 0.89
N GLY A 38 14.69 22.71 1.12
CA GLY A 38 14.87 21.47 1.85
C GLY A 38 13.58 20.75 2.19
N ILE A 39 13.69 19.76 3.07
CA ILE A 39 12.57 18.96 3.49
C ILE A 39 12.65 18.69 4.99
N ALA A 40 11.52 18.33 5.58
CA ALA A 40 11.46 18.03 7.00
C ALA A 40 10.06 17.56 7.38
N THR A 41 9.80 17.57 8.68
CA THR A 41 8.50 17.19 9.22
C THR A 41 8.40 17.90 10.57
N LEU A 42 7.22 17.85 11.18
CA LEU A 42 7.03 18.51 12.47
C LEU A 42 7.06 17.54 13.64
N THR A 43 6.92 18.08 14.84
CA THR A 43 6.93 17.26 16.04
C THR A 43 5.96 16.09 15.86
N GLY A 44 6.37 14.91 16.31
CA GLY A 44 5.54 13.72 16.17
C GLY A 44 5.55 13.23 14.73
N SER A 45 6.46 13.80 13.94
CA SER A 45 6.59 13.49 12.52
C SER A 45 5.28 13.86 11.85
N ASP A 46 4.75 15.00 12.26
CA ASP A 46 3.48 15.48 11.71
C ASP A 46 3.62 16.09 10.33
N GLY A 47 3.07 15.40 9.34
CA GLY A 47 3.08 15.91 7.99
C GLY A 47 4.40 15.98 7.24
N GLU A 48 4.40 16.84 6.22
CA GLU A 48 5.55 17.01 5.36
C GLU A 48 5.94 18.47 5.24
N VAL A 49 7.19 18.77 5.56
CA VAL A 49 7.66 20.15 5.45
C VAL A 49 8.46 20.30 4.16
N ILE A 50 8.18 21.36 3.41
CA ILE A 50 8.90 21.64 2.18
C ILE A 50 9.47 23.05 2.28
N PHE A 51 10.79 23.16 2.25
CA PHE A 51 11.44 24.47 2.30
C PHE A 51 11.60 24.89 0.84
N LEU A 52 10.88 25.92 0.44
CA LEU A 52 10.93 26.39 -0.93
C LEU A 52 11.03 27.91 -1.02
N ASP A 53 12.10 28.39 -1.66
CA ASP A 53 12.32 29.82 -1.81
C ASP A 53 12.30 30.55 -0.48
N GLY A 54 13.00 29.99 0.51
CA GLY A 54 13.06 30.61 1.83
C GLY A 54 11.79 30.54 2.64
N LYS A 55 10.73 29.97 2.08
CA LYS A 55 9.47 29.85 2.79
C LYS A 55 9.31 28.41 3.28
N ALA A 56 8.56 28.22 4.37
CA ALA A 56 8.34 26.89 4.92
C ALA A 56 6.88 26.50 4.82
N TYR A 57 6.60 25.44 4.08
CA TYR A 57 5.24 24.96 3.89
C TYR A 57 4.99 23.62 4.58
N HIS A 58 3.73 23.37 4.93
CA HIS A 58 3.38 22.13 5.59
C HIS A 58 2.11 21.49 5.03
N ALA A 59 2.24 20.22 4.66
CA ALA A 59 1.12 19.45 4.12
C ALA A 59 0.87 18.32 5.10
N ASN A 60 -0.32 18.25 5.68
CA ASN A 60 -0.60 17.20 6.65
C ASN A 60 -1.54 16.12 6.14
N GLU A 61 -1.77 15.15 7.01
CA GLU A 61 -2.63 14.00 6.76
C GLU A 61 -4.08 14.34 6.48
N HIS A 62 -4.46 15.59 6.70
CA HIS A 62 -5.83 16.03 6.48
C HIS A 62 -5.98 16.86 5.21
N LYS A 63 -5.04 16.71 4.28
CA LYS A 63 -5.07 17.43 3.02
C LYS A 63 -4.93 18.94 3.18
N GLU A 64 -4.54 19.38 4.37
CA GLU A 64 -4.35 20.80 4.62
C GLU A 64 -2.96 21.19 4.11
N PHE A 65 -2.79 22.44 3.72
CA PHE A 65 -1.51 22.92 3.20
C PHE A 65 -1.37 24.38 3.60
N ILE A 66 -0.37 24.70 4.40
CA ILE A 66 -0.17 26.07 4.84
C ILE A 66 1.29 26.49 4.99
N GLU A 67 1.52 27.79 5.14
CA GLU A 67 2.86 28.29 5.35
C GLU A 67 3.05 28.33 6.86
N LEU A 68 4.13 27.72 7.34
CA LEU A 68 4.40 27.68 8.77
C LEU A 68 4.71 29.05 9.34
N LYS A 69 4.34 29.26 10.60
CA LYS A 69 4.59 30.54 11.26
C LYS A 69 6.09 30.74 11.50
N GLY A 70 6.77 29.65 11.87
CA GLY A 70 8.20 29.74 12.12
C GLY A 70 8.63 29.18 13.47
N ASP A 71 7.72 29.16 14.43
CA ASP A 71 8.02 28.67 15.77
C ASP A 71 7.76 27.18 15.95
N GLU A 72 7.22 26.53 14.91
CA GLU A 72 6.94 25.10 14.99
C GLU A 72 8.27 24.37 15.15
N LYS A 73 8.24 23.24 15.85
CA LYS A 73 9.46 22.47 16.06
C LYS A 73 9.55 21.28 15.10
N VAL A 74 10.78 20.86 14.80
CA VAL A 74 11.03 19.73 13.90
C VAL A 74 12.00 18.73 14.54
N PRO A 75 11.76 17.43 14.33
CA PRO A 75 12.63 16.38 14.88
C PRO A 75 13.72 15.95 13.90
N TYR A 76 13.49 16.26 12.62
CA TYR A 76 14.43 15.92 11.55
C TYR A 76 14.24 16.84 10.35
N ALA A 77 15.33 17.45 9.89
CA ALA A 77 15.26 18.37 8.76
C ALA A 77 16.57 18.44 7.98
N SER A 78 16.46 18.67 6.68
CA SER A 78 17.62 18.81 5.80
C SER A 78 17.39 20.10 5.01
N ILE A 79 18.39 20.97 4.98
CA ILE A 79 18.22 22.24 4.28
C ILE A 79 19.53 22.77 3.69
N THR A 80 19.42 23.67 2.71
CA THR A 80 20.61 24.23 2.09
C THR A 80 20.33 25.56 1.42
N ASN A 81 21.38 26.35 1.23
CA ASN A 81 21.28 27.62 0.53
C ASN A 81 21.52 27.16 -0.90
N PHE A 82 20.43 26.84 -1.59
CA PHE A 82 20.52 26.34 -2.95
C PHE A 82 21.20 27.23 -3.97
N LYS A 83 22.32 26.73 -4.49
CA LYS A 83 23.11 27.40 -5.50
C LYS A 83 23.34 26.37 -6.59
N ALA A 84 22.46 26.35 -7.59
CA ALA A 84 22.55 25.39 -8.69
C ALA A 84 23.87 25.45 -9.42
N SER A 85 24.55 24.31 -9.51
CA SER A 85 25.82 24.25 -10.21
C SER A 85 25.60 23.69 -11.61
N LYS A 86 24.39 23.18 -11.85
CA LYS A 86 24.03 22.63 -13.15
C LYS A 86 22.52 22.69 -13.36
N THR A 87 22.11 23.05 -14.57
CA THR A 87 20.70 23.15 -14.92
C THR A 87 20.49 22.45 -16.24
N PHE A 88 19.30 21.84 -16.42
CA PHE A 88 18.97 21.13 -17.65
C PHE A 88 17.51 20.68 -17.67
N PRO A 89 16.88 20.70 -18.85
CA PRO A 89 15.48 20.29 -18.99
C PRO A 89 15.25 18.80 -19.17
N LEU A 90 13.99 18.39 -18.97
CA LEU A 90 13.56 17.00 -19.14
C LEU A 90 12.10 17.01 -19.51
N GLN A 91 11.70 16.07 -20.37
CA GLN A 91 10.31 15.99 -20.79
C GLN A 91 9.84 14.55 -20.95
N GLN A 92 8.55 14.34 -20.69
CA GLN A 92 7.93 13.03 -20.84
C GLN A 92 8.80 11.86 -20.34
N LEU A 93 9.10 11.85 -19.04
CA LEU A 93 9.91 10.80 -18.46
C LEU A 93 9.38 10.31 -17.11
N SER A 94 9.64 9.05 -16.81
CA SER A 94 9.22 8.42 -15.57
C SER A 94 10.14 8.84 -14.42
N GLN A 95 9.73 8.54 -13.19
CA GLN A 95 10.56 8.89 -12.04
C GLN A 95 11.93 8.23 -12.16
N ASP A 96 11.94 6.92 -12.44
CA ASP A 96 13.20 6.19 -12.58
C ASP A 96 14.12 6.81 -13.63
N ASP A 97 13.55 7.20 -14.76
CA ASP A 97 14.33 7.80 -15.84
C ASP A 97 14.83 9.19 -15.47
N VAL A 98 14.06 9.89 -14.65
CA VAL A 98 14.44 11.23 -14.20
C VAL A 98 15.60 11.11 -13.23
N PHE A 99 15.51 10.12 -12.33
CA PHE A 99 16.59 9.91 -11.36
C PHE A 99 17.87 9.47 -12.08
N ALA A 100 17.72 8.65 -13.11
CA ALA A 100 18.87 8.17 -13.87
C ALA A 100 19.59 9.36 -14.51
N GLN A 101 18.83 10.36 -14.92
CA GLN A 101 19.41 11.55 -15.54
C GLN A 101 20.20 12.33 -14.49
N ILE A 102 19.58 12.53 -13.33
CA ILE A 102 20.23 13.25 -12.24
C ILE A 102 21.49 12.50 -11.83
N LYS A 103 21.43 11.18 -11.81
CA LYS A 103 22.57 10.36 -11.45
C LYS A 103 23.71 10.57 -12.45
N ASN A 104 23.34 10.91 -13.69
CA ASN A 104 24.31 11.15 -14.75
C ASN A 104 24.93 12.54 -14.68
N GLU A 105 24.11 13.52 -14.32
CA GLU A 105 24.56 14.91 -14.25
C GLU A 105 25.22 15.35 -12.93
N MSE A 106 24.93 14.64 -11.84
CA MSE A 106 25.55 15.01 -10.56
C MSE A 106 27.04 14.78 -10.64
O MSE A 106 27.52 13.99 -11.46
CB MSE A 106 24.96 14.18 -9.42
CG MSE A 106 25.19 12.68 -9.54
SE MSE A 106 24.66 11.72 -7.95
CE MSE A 106 22.77 12.11 -7.98
N LEU A 107 27.80 15.47 -9.79
CA LEU A 107 29.25 15.35 -9.77
C LEU A 107 29.72 13.96 -9.36
N SER A 108 29.02 13.37 -8.39
CA SER A 108 29.39 12.05 -7.91
C SER A 108 28.32 11.45 -7.00
N GLU A 109 28.08 10.16 -7.16
CA GLU A 109 27.10 9.48 -6.32
C GLU A 109 27.75 9.13 -4.99
N ASN A 110 28.99 9.58 -4.80
CA ASN A 110 29.71 9.34 -3.56
C ASN A 110 29.62 10.60 -2.69
N LEU A 111 28.87 11.58 -3.19
CA LEU A 111 28.67 12.84 -2.50
C LEU A 111 27.20 13.13 -2.29
N PHE A 112 26.92 14.05 -1.38
CA PHE A 112 25.55 14.48 -1.11
C PHE A 112 25.27 15.49 -2.22
N SER A 113 24.00 15.65 -2.58
CA SER A 113 23.63 16.62 -3.60
C SER A 113 22.18 17.06 -3.38
N ALA A 114 21.85 18.22 -3.92
CA ALA A 114 20.50 18.75 -3.79
C ALA A 114 19.90 18.86 -5.18
N VAL A 115 18.58 18.69 -5.27
CA VAL A 115 17.91 18.79 -6.56
C VAL A 115 16.65 19.63 -6.48
N LYS A 116 16.32 20.24 -7.61
CA LYS A 116 15.12 21.05 -7.71
C LYS A 116 14.57 20.76 -9.09
N ILE A 117 13.34 20.28 -9.14
CA ILE A 117 12.68 19.93 -10.38
C ILE A 117 11.39 20.75 -10.44
N TYR A 118 11.34 21.73 -11.34
CA TYR A 118 10.17 22.60 -11.45
C TYR A 118 9.55 22.60 -12.84
N GLY A 119 8.22 22.56 -12.87
CA GLY A 119 7.51 22.57 -14.14
C GLY A 119 6.19 21.84 -14.03
N THR A 120 5.77 21.18 -15.12
CA THR A 120 4.52 20.44 -15.12
C THR A 120 4.78 18.94 -14.98
N PHE A 121 3.91 18.28 -14.22
CA PHE A 121 4.05 16.84 -13.99
C PHE A 121 2.81 16.13 -14.46
N LYS A 122 3.00 15.14 -15.34
CA LYS A 122 1.88 14.37 -15.87
C LYS A 122 1.24 13.60 -14.73
N HIS A 123 2.08 13.11 -13.82
CA HIS A 123 1.61 12.34 -12.67
C HIS A 123 2.41 12.69 -11.42
N MSE A 124 1.73 12.78 -10.28
CA MSE A 124 2.38 13.09 -9.02
C MSE A 124 1.72 12.23 -7.95
O MSE A 124 0.50 12.18 -7.86
CB MSE A 124 2.25 14.58 -8.68
CG MSE A 124 2.92 15.02 -7.37
SE MSE A 124 4.81 14.58 -7.22
CE MSE A 124 5.53 15.76 -8.57
N HIS A 125 2.55 11.55 -7.16
CA HIS A 125 2.05 10.67 -6.11
C HIS A 125 2.83 10.94 -4.83
N VAL A 126 2.13 11.41 -3.79
CA VAL A 126 2.78 11.72 -2.52
C VAL A 126 2.04 11.13 -1.33
N ARG A 127 2.70 11.16 -0.18
CA ARG A 127 2.10 10.70 1.06
C ARG A 127 2.25 11.84 2.05
N MSE A 128 1.38 11.87 3.05
CA MSE A 128 1.45 12.89 4.09
C MSE A 128 1.56 12.11 5.39
O MSE A 128 0.57 11.56 5.87
CB MSE A 128 0.18 13.76 4.08
CG MSE A 128 -0.07 14.50 2.77
SE MSE A 128 -1.10 13.47 1.50
CE MSE A 128 -2.89 13.95 2.09
N MSE A 129 2.77 12.03 5.92
CA MSE A 129 3.00 11.27 7.14
C MSE A 129 2.02 11.67 8.25
O MSE A 129 1.97 12.85 8.64
CB MSE A 129 4.44 11.48 7.63
CG MSE A 129 4.88 10.45 8.67
SE MSE A 129 5.03 8.67 7.95
CE MSE A 129 6.86 8.76 7.32
N PRO A 130 1.23 10.72 8.74
CA PRO A 130 0.27 11.01 9.81
C PRO A 130 1.00 11.26 11.13
N ALA A 131 0.57 12.29 11.86
CA ALA A 131 1.20 12.63 13.12
C ALA A 131 0.97 11.60 14.22
N GLN A 132 1.93 11.53 15.14
CA GLN A 132 1.87 10.62 16.28
C GLN A 132 1.80 11.48 17.53
N GLN A 133 1.22 10.93 18.60
CA GLN A 133 1.14 11.63 19.87
C GLN A 133 1.97 10.83 20.86
N PRO A 134 2.75 11.51 21.72
CA PRO A 134 3.58 10.80 22.70
C PRO A 134 2.74 10.03 23.71
N PRO A 135 3.26 8.88 24.19
CA PRO A 135 4.56 8.27 23.87
C PRO A 135 4.64 7.81 22.41
N TYR A 136 5.79 8.05 21.80
CA TYR A 136 6.01 7.69 20.40
C TYR A 136 6.40 6.24 20.16
N THR A 137 6.25 5.80 18.91
CA THR A 137 6.62 4.45 18.50
C THR A 137 7.51 4.60 17.27
N ARG A 138 7.96 3.48 16.73
CA ARG A 138 8.82 3.53 15.54
C ARG A 138 8.02 4.15 14.40
N LEU A 139 8.66 5.05 13.67
CA LEU A 139 8.01 5.77 12.57
C LEU A 139 7.39 4.88 11.48
N ILE A 140 7.84 3.63 11.39
CA ILE A 140 7.32 2.71 10.39
C ILE A 140 5.82 2.50 10.58
N ASP A 141 5.36 2.63 11.82
CA ASP A 141 3.96 2.45 12.14
C ASP A 141 3.10 3.55 11.53
N SER A 142 3.68 4.74 11.42
CA SER A 142 2.97 5.87 10.84
C SER A 142 2.87 5.68 9.33
N ALA A 143 4.00 5.32 8.72
CA ALA A 143 4.07 5.12 7.29
C ALA A 143 3.09 4.05 6.80
N ARG A 144 2.85 3.03 7.62
CA ARG A 144 1.94 1.95 7.24
C ARG A 144 0.47 2.33 7.29
N ARG A 145 0.16 3.54 7.75
CA ARG A 145 -1.22 4.00 7.82
C ARG A 145 -1.30 5.40 7.22
N GLN A 146 -0.25 5.77 6.47
CA GLN A 146 -0.17 7.08 5.84
C GLN A 146 -1.17 7.26 4.71
N PRO A 147 -1.68 8.49 4.56
CA PRO A 147 -2.63 8.73 3.47
C PRO A 147 -1.76 9.07 2.25
N GLU A 148 -2.30 8.83 1.07
CA GLU A 148 -1.57 9.12 -0.17
C GLU A 148 -2.53 9.81 -1.14
N GLU A 149 -2.02 10.81 -1.84
CA GLU A 149 -2.84 11.56 -2.79
C GLU A 149 -2.08 11.69 -4.10
N LYS A 150 -2.80 11.50 -5.20
CA LYS A 150 -2.22 11.59 -6.53
C LYS A 150 -2.88 12.71 -7.33
N ARG A 151 -2.12 13.31 -8.23
CA ARG A 151 -2.62 14.37 -9.08
C ARG A 151 -2.10 14.14 -10.50
N GLN A 152 -2.70 14.82 -11.47
CA GLN A 152 -2.28 14.69 -12.86
C GLN A 152 -2.17 16.07 -13.51
N ASP A 153 -1.16 16.24 -14.36
CA ASP A 153 -0.94 17.50 -15.06
C ASP A 153 -0.98 18.66 -14.07
N ILE A 154 -0.10 18.60 -13.08
CA ILE A 154 -0.03 19.62 -12.05
C ILE A 154 1.30 20.35 -12.17
N ARG A 155 1.27 21.65 -11.87
CA ARG A 155 2.48 22.47 -11.93
C ARG A 155 2.97 22.74 -10.52
N GLY A 156 4.25 22.48 -10.28
CA GLY A 156 4.82 22.70 -8.97
C GLY A 156 6.32 22.45 -8.96
N ALA A 157 6.87 22.22 -7.78
CA ALA A 157 8.29 21.98 -7.65
C ALA A 157 8.61 20.85 -6.69
N ILE A 158 9.60 20.05 -7.07
CA ILE A 158 10.07 18.96 -6.24
C ILE A 158 11.43 19.40 -5.72
N VAL A 159 11.66 19.22 -4.43
CA VAL A 159 12.95 19.58 -3.84
C VAL A 159 13.36 18.40 -2.99
N GLY A 160 14.66 18.16 -2.91
CA GLY A 160 15.13 17.04 -2.12
C GLY A 160 16.64 16.92 -2.12
N PHE A 161 17.12 15.78 -1.61
CA PHE A 161 18.55 15.54 -1.54
C PHE A 161 18.90 14.11 -1.85
N PHE A 162 20.12 13.91 -2.31
CA PHE A 162 20.62 12.57 -2.61
C PHE A 162 21.66 12.28 -1.55
N THR A 163 21.54 11.11 -0.93
CA THR A 163 22.48 10.69 0.11
C THR A 163 23.31 9.53 -0.43
N PRO A 164 24.65 9.63 -0.34
CA PRO A 164 25.53 8.56 -0.81
C PRO A 164 25.44 7.31 0.07
N GLU A 165 25.65 6.15 -0.53
CA GLU A 165 25.55 4.86 0.15
C GLU A 165 26.04 4.79 1.60
N LEU A 166 27.31 5.10 1.82
CA LEU A 166 27.89 5.02 3.17
C LEU A 166 27.12 5.83 4.22
N PHE A 167 26.35 6.81 3.76
CA PHE A 167 25.58 7.63 4.69
C PHE A 167 24.13 7.21 4.84
N HIS A 168 23.79 6.05 4.29
CA HIS A 168 22.42 5.55 4.41
C HIS A 168 22.14 5.34 5.90
N GLY A 169 21.06 5.93 6.39
CA GLY A 169 20.73 5.83 7.81
C GLY A 169 20.79 7.22 8.40
N VAL A 170 21.92 7.90 8.20
CA VAL A 170 22.09 9.26 8.67
C VAL A 170 21.13 10.08 7.81
N GLY A 171 21.11 9.72 6.53
CA GLY A 171 20.22 10.34 5.57
C GLY A 171 19.40 9.19 5.02
N SER A 172 18.86 9.35 3.81
CA SER A 172 18.06 8.28 3.22
C SER A 172 18.80 7.63 2.05
N ALA A 173 18.53 6.35 1.83
CA ALA A 173 19.17 5.60 0.76
C ALA A 173 18.83 6.17 -0.62
N GLY A 174 19.66 7.10 -1.10
CA GLY A 174 19.41 7.67 -2.41
C GLY A 174 18.67 9.00 -2.37
N PHE A 175 17.66 9.15 -3.22
CA PHE A 175 16.89 10.39 -3.29
C PHE A 175 15.78 10.49 -2.24
N HIS A 176 15.61 11.68 -1.69
CA HIS A 176 14.56 11.96 -0.73
C HIS A 176 14.02 13.30 -1.20
N ILE A 177 12.79 13.27 -1.71
CA ILE A 177 12.18 14.48 -2.26
C ILE A 177 10.75 14.73 -1.84
N HIS A 178 10.42 16.02 -1.71
CA HIS A 178 9.07 16.44 -1.35
C HIS A 178 8.57 17.33 -2.49
N PHE A 179 7.26 17.49 -2.58
CA PHE A 179 6.65 18.30 -3.63
C PHE A 179 5.70 19.35 -3.06
N ALA A 180 5.58 20.46 -3.78
CA ALA A 180 4.67 21.55 -3.43
C ALA A 180 4.20 22.15 -4.74
N ASP A 181 2.89 22.15 -4.96
CA ASP A 181 2.34 22.70 -6.19
C ASP A 181 2.28 24.23 -6.14
N ASP A 182 2.33 24.84 -7.31
CA ASP A 182 2.29 26.29 -7.44
C ASP A 182 1.15 26.92 -6.66
N GLU A 183 -0.01 26.26 -6.65
CA GLU A 183 -1.17 26.77 -5.94
C GLU A 183 -1.00 26.72 -4.42
N ARG A 184 0.10 26.13 -3.95
CA ARG A 184 0.36 26.01 -2.52
C ARG A 184 -0.89 25.41 -1.86
N ALA A 185 -1.39 24.32 -2.41
CA ALA A 185 -2.59 23.69 -1.86
C ALA A 185 -2.49 22.18 -1.82
N TYR A 186 -1.41 21.64 -2.37
CA TYR A 186 -1.19 20.20 -2.43
C TYR A 186 0.30 19.91 -2.37
N GLY A 187 0.67 18.85 -1.64
CA GLY A 187 2.07 18.50 -1.55
C GLY A 187 2.34 17.35 -0.60
N GLY A 188 3.61 16.99 -0.46
CA GLY A 188 3.98 15.91 0.43
C GLY A 188 5.29 15.24 0.06
N HIS A 189 5.52 14.06 0.62
CA HIS A 189 6.71 13.27 0.37
C HIS A 189 6.44 12.49 -0.92
N VAL A 190 7.26 12.72 -1.94
CA VAL A 190 7.07 12.06 -3.24
C VAL A 190 7.38 10.57 -3.23
N LEU A 191 6.41 9.77 -3.70
CA LEU A 191 6.55 8.32 -3.78
C LEU A 191 6.77 7.94 -5.24
N ASP A 192 6.20 8.74 -6.14
CA ASP A 192 6.32 8.48 -7.56
C ASP A 192 5.87 9.70 -8.34
N PHE A 193 6.34 9.84 -9.58
CA PHE A 193 5.96 10.96 -10.41
C PHE A 193 6.38 10.77 -11.86
N GLU A 194 5.78 11.55 -12.74
CA GLU A 194 6.10 11.52 -14.17
C GLU A 194 6.15 12.97 -14.64
N VAL A 195 7.30 13.38 -15.16
CA VAL A 195 7.45 14.75 -15.64
C VAL A 195 6.87 14.96 -17.02
N ASP A 196 6.26 16.12 -17.24
CA ASP A 196 5.72 16.46 -18.55
C ASP A 196 6.79 17.35 -19.17
N ASP A 197 6.99 18.51 -18.55
CA ASP A 197 7.99 19.46 -19.01
C ASP A 197 8.52 20.16 -17.76
N VAL A 198 9.79 19.94 -17.46
CA VAL A 198 10.41 20.54 -16.27
C VAL A 198 11.86 20.95 -16.49
N VAL A 199 12.40 21.64 -15.50
CA VAL A 199 13.79 22.06 -15.51
C VAL A 199 14.41 21.46 -14.25
N VAL A 200 15.58 20.85 -14.38
CA VAL A 200 16.25 20.25 -13.25
C VAL A 200 17.49 21.02 -12.84
N GLU A 201 17.58 21.35 -11.56
CA GLU A 201 18.73 22.06 -11.01
C GLU A 201 19.41 21.17 -9.98
N ILE A 202 20.73 21.07 -10.07
CA ILE A 202 21.49 20.24 -9.14
C ILE A 202 22.58 21.04 -8.45
N GLN A 203 22.92 20.64 -7.23
CA GLN A 203 23.96 21.28 -6.46
C GLN A 203 24.73 20.17 -5.74
N ASN A 204 26.04 20.12 -5.97
CA ASN A 204 26.89 19.11 -5.35
C ASN A 204 27.51 19.69 -4.07
N PHE A 205 27.46 18.92 -2.99
CA PHE A 205 27.99 19.38 -1.71
C PHE A 205 29.39 18.89 -1.38
N GLU A 206 30.19 19.80 -0.84
CA GLU A 206 31.56 19.51 -0.44
C GLU A 206 31.58 19.27 1.07
N THR A 207 30.61 19.86 1.76
CA THR A 207 30.51 19.72 3.21
C THR A 207 29.11 19.36 3.68
N PHE A 208 29.06 18.42 4.61
CA PHE A 208 27.82 17.94 5.22
C PHE A 208 27.89 18.34 6.69
N GLN A 209 26.98 19.21 7.11
CA GLN A 209 26.96 19.67 8.50
C GLN A 209 25.82 19.02 9.29
N GLN A 210 26.16 18.10 10.17
CA GLN A 210 25.18 17.39 10.98
C GLN A 210 25.04 17.99 12.38
N HIS A 211 23.82 18.40 12.72
CA HIS A 211 23.56 19.01 14.02
C HIS A 211 22.73 18.08 14.89
N PHE A 212 23.08 18.01 16.17
CA PHE A 212 22.43 17.15 17.14
C PHE A 212 21.75 17.96 18.25
N PRO A 213 20.57 17.51 18.71
CA PRO A 213 19.84 18.21 19.77
C PRO A 213 20.42 17.88 21.15
N VAL A 214 21.58 18.45 21.45
CA VAL A 214 22.25 18.20 22.72
C VAL A 214 21.49 18.69 23.95
N ASN A 215 20.48 19.54 23.74
CA ASN A 215 19.69 20.06 24.84
C ASN A 215 18.41 19.28 25.09
N ASN A 216 18.13 18.30 24.24
CA ASN A 216 16.94 17.49 24.36
C ASN A 216 17.23 16.27 25.24
N GLU A 217 16.58 16.22 26.39
CA GLU A 217 16.77 15.13 27.34
C GLU A 217 16.42 13.75 26.82
N THR A 218 15.36 13.64 26.03
CA THR A 218 14.96 12.35 25.50
C THR A 218 16.03 11.76 24.58
N PHE A 219 16.57 12.60 23.69
CA PHE A 219 17.61 12.16 22.79
C PHE A 219 18.86 11.78 23.59
N VAL A 220 19.31 12.68 24.44
CA VAL A 220 20.49 12.46 25.27
C VAL A 220 20.46 11.14 26.05
N LYS A 221 19.37 10.89 26.76
CA LYS A 221 19.24 9.68 27.58
C LYS A 221 18.73 8.42 26.88
N ALA A 222 18.19 8.57 25.68
CA ALA A 222 17.63 7.42 24.96
C ALA A 222 18.60 6.32 24.57
N LYS A 223 18.12 5.08 24.67
CA LYS A 223 18.88 3.90 24.26
C LYS A 223 18.22 3.58 22.93
N ILE A 224 18.79 4.12 21.85
CA ILE A 224 18.23 3.95 20.52
C ILE A 224 18.46 2.58 19.89
N ASP A 225 17.36 1.93 19.50
CA ASP A 225 17.43 0.63 18.85
C ASP A 225 17.30 0.82 17.34
N TYR A 226 18.37 0.51 16.62
CA TYR A 226 18.38 0.66 15.16
C TYR A 226 18.13 -0.65 14.44
N LYS A 227 17.73 -1.67 15.19
CA LYS A 227 17.45 -2.98 14.62
C LYS A 227 16.45 -2.84 13.47
N ASP A 228 16.84 -3.34 12.30
CA ASP A 228 16.00 -3.30 11.10
C ASP A 228 15.72 -1.91 10.56
N VAL A 229 16.41 -0.89 11.06
CA VAL A 229 16.16 0.46 10.60
C VAL A 229 16.38 0.61 9.08
N ALA A 230 17.38 -0.08 8.55
CA ALA A 230 17.66 0.00 7.12
C ALA A 230 16.50 -0.54 6.29
N GLU A 231 15.93 -1.66 6.72
CA GLU A 231 14.81 -2.26 6.02
C GLU A 231 13.54 -1.42 6.15
N GLU A 232 13.34 -0.83 7.32
CA GLU A 232 12.15 -0.01 7.56
C GLU A 232 12.18 1.25 6.69
N ILE A 233 13.36 1.86 6.56
CA ILE A 233 13.51 3.07 5.77
C ILE A 233 13.12 2.81 4.31
N ARG A 234 13.43 1.62 3.83
CA ARG A 234 13.11 1.24 2.45
C ARG A 234 11.62 0.97 2.25
N GLU A 235 10.93 0.58 3.32
CA GLU A 235 9.51 0.31 3.23
C GLU A 235 8.70 1.59 3.45
N ALA A 236 9.19 2.43 4.35
CA ALA A 236 8.52 3.69 4.70
C ALA A 236 8.60 4.82 3.68
N GLU A 237 9.80 5.07 3.16
CA GLU A 237 9.96 6.17 2.21
C GLU A 237 9.97 5.79 0.73
N ASN B 6 31.24 23.53 19.86
CA ASN B 6 31.78 22.15 19.86
C ASN B 6 31.53 21.45 18.52
N VAL B 7 32.48 21.59 17.61
CA VAL B 7 32.39 21.00 16.29
C VAL B 7 33.47 19.94 16.06
N LEU B 8 33.05 18.78 15.58
CA LEU B 8 34.00 17.70 15.26
C LEU B 8 34.17 17.77 13.76
N TYR B 9 35.41 17.98 13.31
CA TYR B 9 35.70 18.08 11.89
C TYR B 9 36.29 16.78 11.37
N GLN B 10 35.80 16.32 10.23
CA GLN B 10 36.31 15.09 9.66
C GLN B 10 36.45 15.20 8.14
N HIS B 11 37.64 14.90 7.64
CA HIS B 11 37.91 14.92 6.21
C HIS B 11 37.89 13.47 5.76
N GLY B 12 36.99 13.15 4.83
CA GLY B 12 36.88 11.78 4.37
C GLY B 12 36.22 10.91 5.44
N THR B 13 35.98 9.65 5.10
CA THR B 13 35.34 8.74 6.04
C THR B 13 36.16 7.46 6.19
N LEU B 14 35.91 6.74 7.28
CA LEU B 14 36.62 5.50 7.54
C LEU B 14 36.17 4.41 6.59
N GLY B 15 34.87 4.33 6.34
CA GLY B 15 34.32 3.34 5.44
C GLY B 15 34.95 3.43 4.06
N THR B 16 35.10 4.65 3.57
CA THR B 16 35.70 4.88 2.26
C THR B 16 37.18 4.50 2.29
N LEU B 17 37.85 4.78 3.41
CA LEU B 17 39.26 4.44 3.54
C LEU B 17 39.40 2.93 3.49
N MSE B 18 38.52 2.25 4.22
CA MSE B 18 38.54 0.79 4.25
C MSE B 18 38.36 0.21 2.85
O MSE B 18 38.99 -0.80 2.51
CB MSE B 18 37.41 0.27 5.16
CG MSE B 18 37.61 0.57 6.63
SE MSE B 18 39.17 -0.30 7.38
CE MSE B 18 38.42 -2.03 7.73
N ALA B 19 37.52 0.84 2.05
CA ALA B 19 37.23 0.39 0.69
C ALA B 19 38.48 0.41 -0.19
N GLY B 20 39.48 1.21 0.20
CA GLY B 20 40.70 1.25 -0.59
C GLY B 20 41.14 2.62 -1.07
N LEU B 21 40.26 3.62 -1.01
CA LEU B 21 40.66 4.95 -1.46
C LEU B 21 41.63 5.55 -0.45
N LEU B 22 42.92 5.27 -0.66
CA LEU B 22 43.96 5.73 0.24
C LEU B 22 44.72 6.95 -0.27
N GLU B 23 44.27 7.56 -1.35
CA GLU B 23 44.94 8.74 -1.89
C GLU B 23 44.86 9.90 -0.92
N GLY B 24 45.93 10.68 -0.84
CA GLY B 24 45.95 11.84 0.04
C GLY B 24 45.13 12.94 -0.61
N THR B 25 44.10 13.41 0.08
CA THR B 25 43.24 14.45 -0.47
C THR B 25 43.22 15.75 0.31
N ALA B 26 43.94 15.77 1.43
CA ALA B 26 44.02 16.97 2.27
C ALA B 26 45.37 16.97 2.97
N THR B 27 45.87 18.15 3.29
CA THR B 27 47.16 18.26 3.95
C THR B 27 47.04 18.46 5.47
N ILE B 28 48.11 18.16 6.18
CA ILE B 28 48.16 18.31 7.63
C ILE B 28 47.84 19.75 8.03
N ASN B 29 48.34 20.71 7.26
CA ASN B 29 48.11 22.11 7.54
C ASN B 29 46.65 22.51 7.41
N GLU B 30 45.99 22.02 6.36
CA GLU B 30 44.58 22.33 6.14
C GLU B 30 43.76 21.83 7.32
N LEU B 31 44.12 20.67 7.84
CA LEU B 31 43.43 20.09 8.98
C LEU B 31 43.65 20.88 10.26
N LEU B 32 44.89 21.29 10.52
CA LEU B 32 45.22 22.05 11.72
C LEU B 32 44.42 23.35 11.81
N GLU B 33 43.83 23.75 10.69
CA GLU B 33 43.01 24.96 10.64
C GLU B 33 41.66 24.69 11.30
N HIS B 34 41.34 23.41 11.49
CA HIS B 34 40.08 23.00 12.08
C HIS B 34 40.20 22.45 13.50
N GLY B 35 41.43 22.31 14.00
CA GLY B 35 41.60 21.78 15.34
C GLY B 35 43.03 21.68 15.81
N ASN B 36 43.19 21.12 17.02
CA ASN B 36 44.50 20.94 17.64
C ASN B 36 44.62 19.59 18.32
N LEU B 37 43.57 18.78 18.21
CA LEU B 37 43.56 17.46 18.81
C LEU B 37 42.80 16.50 17.91
N GLY B 38 43.44 15.40 17.54
CA GLY B 38 42.78 14.45 16.66
C GLY B 38 43.64 13.31 16.19
N ILE B 39 43.16 12.61 15.17
CA ILE B 39 43.82 11.45 14.61
C ILE B 39 43.73 11.43 13.08
N ALA B 40 44.62 10.68 12.45
CA ALA B 40 44.63 10.57 10.99
C ALA B 40 45.69 9.58 10.52
N THR B 41 45.97 9.63 9.22
CA THR B 41 46.98 8.78 8.58
C THR B 41 47.38 9.50 7.30
N LEU B 42 48.51 9.11 6.72
CA LEU B 42 48.98 9.77 5.50
C LEU B 42 48.59 9.02 4.23
N THR B 43 48.92 9.61 3.10
CA THR B 43 48.64 9.01 1.79
C THR B 43 49.03 7.54 1.82
N GLY B 44 48.16 6.68 1.31
CA GLY B 44 48.43 5.25 1.29
C GLY B 44 48.21 4.62 2.65
N SER B 45 47.53 5.34 3.53
CA SER B 45 47.25 4.88 4.89
C SER B 45 48.57 4.52 5.58
N ASP B 46 49.55 5.40 5.43
CA ASP B 46 50.87 5.18 6.02
C ASP B 46 50.98 5.66 7.47
N GLY B 47 51.06 4.69 8.39
CA GLY B 47 51.23 5.01 9.79
C GLY B 47 50.07 5.62 10.56
N GLU B 48 50.40 6.19 11.71
CA GLU B 48 49.41 6.80 12.59
C GLU B 48 49.74 8.26 12.88
N VAL B 49 48.83 9.16 12.49
CA VAL B 49 49.01 10.59 12.74
C VAL B 49 48.31 10.94 14.04
N ILE B 50 48.97 11.74 14.87
CA ILE B 50 48.40 12.17 16.13
C ILE B 50 48.47 13.68 16.21
N PHE B 51 47.32 14.34 16.36
CA PHE B 51 47.27 15.78 16.49
C PHE B 51 47.17 16.04 17.99
N LEU B 52 48.21 16.63 18.57
CA LEU B 52 48.22 16.90 20.00
C LEU B 52 48.78 18.29 20.27
N ASP B 53 48.01 19.08 21.02
CA ASP B 53 48.40 20.44 21.37
C ASP B 53 48.80 21.28 20.16
N GLY B 54 48.08 21.10 19.06
CA GLY B 54 48.37 21.87 17.86
C GLY B 54 49.48 21.35 16.96
N LYS B 55 50.19 20.33 17.40
CA LYS B 55 51.27 19.76 16.59
C LYS B 55 50.85 18.42 16.02
N ALA B 56 51.31 18.13 14.79
CA ALA B 56 50.99 16.88 14.13
C ALA B 56 52.17 15.92 14.15
N TYR B 57 51.99 14.78 14.80
CA TYR B 57 53.04 13.77 14.90
C TYR B 57 52.69 12.57 14.04
N HIS B 58 53.71 11.83 13.62
CA HIS B 58 53.49 10.66 12.78
C HIS B 58 54.44 9.52 13.09
N ALA B 59 53.86 8.36 13.40
CA ALA B 59 54.62 7.16 13.70
C ALA B 59 54.33 6.15 12.60
N ASN B 60 55.37 5.66 11.92
CA ASN B 60 55.17 4.69 10.85
C ASN B 60 55.48 3.26 11.26
N GLU B 61 55.34 2.36 10.29
CA GLU B 61 55.58 0.94 10.50
C GLU B 61 57.03 0.64 10.89
N HIS B 62 57.93 1.58 10.64
CA HIS B 62 59.34 1.38 10.97
C HIS B 62 59.74 1.94 12.32
N LYS B 63 58.77 2.13 13.20
CA LYS B 63 59.01 2.65 14.54
C LYS B 63 59.59 4.07 14.57
N GLU B 64 59.37 4.82 13.48
CA GLU B 64 59.87 6.19 13.42
C GLU B 64 58.77 7.15 13.92
N PHE B 65 59.13 8.03 14.85
CA PHE B 65 58.18 8.98 15.40
C PHE B 65 58.73 10.37 15.12
N ILE B 66 58.01 11.16 14.33
CA ILE B 66 58.47 12.50 13.98
C ILE B 66 57.34 13.52 14.02
N GLU B 67 57.70 14.79 13.82
CA GLU B 67 56.71 15.86 13.77
C GLU B 67 56.60 16.25 12.31
N LEU B 68 55.44 15.96 11.71
CA LEU B 68 55.19 16.27 10.32
C LEU B 68 55.49 17.73 9.99
N LYS B 69 55.89 17.98 8.75
CA LYS B 69 56.22 19.34 8.32
C LYS B 69 54.97 20.15 8.01
N GLY B 70 53.89 19.45 7.70
CA GLY B 70 52.64 20.14 7.41
C GLY B 70 52.14 20.03 5.98
N ASP B 71 53.04 19.69 5.05
CA ASP B 71 52.66 19.58 3.65
C ASP B 71 52.22 18.16 3.26
N GLU B 72 52.38 17.21 4.17
CA GLU B 72 52.00 15.83 3.91
C GLU B 72 50.48 15.77 3.68
N LYS B 73 50.05 14.77 2.92
CA LYS B 73 48.63 14.61 2.63
C LYS B 73 48.02 13.44 3.40
N VAL B 74 46.74 13.57 3.72
CA VAL B 74 46.03 12.54 4.46
C VAL B 74 44.75 12.16 3.71
N PRO B 75 44.36 10.88 3.76
CA PRO B 75 43.15 10.42 3.08
C PRO B 75 41.94 10.49 4.02
N TYR B 76 42.23 10.37 5.32
CA TYR B 76 41.20 10.38 6.36
C TYR B 76 41.72 11.09 7.61
N ALA B 77 40.91 11.98 8.17
CA ALA B 77 41.31 12.71 9.38
C ALA B 77 40.15 13.19 10.23
N SER B 78 40.36 13.18 11.53
CA SER B 78 39.37 13.65 12.51
C SER B 78 40.09 14.63 13.43
N ILE B 79 39.53 15.82 13.60
CA ILE B 79 40.19 16.82 14.45
C ILE B 79 39.20 17.78 15.08
N THR B 80 39.63 18.44 16.15
CA THR B 80 38.78 19.39 16.86
C THR B 80 39.58 20.39 17.69
N ASN B 81 38.99 21.56 17.93
CA ASN B 81 39.60 22.57 18.77
C ASN B 81 39.11 22.12 20.13
N PHE B 82 39.90 21.26 20.76
CA PHE B 82 39.53 20.68 22.05
C PHE B 82 39.22 21.64 23.18
N LYS B 83 38.10 21.36 23.84
CA LYS B 83 37.65 22.14 24.97
C LYS B 83 36.90 21.14 25.84
N ALA B 84 37.43 20.87 27.02
CA ALA B 84 36.82 19.89 27.92
C ALA B 84 35.43 20.29 28.42
N SER B 85 34.49 19.35 28.38
CA SER B 85 33.12 19.55 28.85
C SER B 85 33.02 18.89 30.23
N LYS B 86 33.77 17.79 30.40
CA LYS B 86 33.77 17.04 31.64
C LYS B 86 35.19 16.59 31.96
N THR B 87 35.64 16.83 33.19
CA THR B 87 36.99 16.44 33.60
C THR B 87 36.91 15.56 34.86
N PHE B 88 37.66 14.47 34.87
CA PHE B 88 37.66 13.57 36.02
C PHE B 88 38.87 12.64 36.01
N PRO B 89 39.32 12.21 37.19
CA PRO B 89 40.47 11.31 37.32
C PRO B 89 40.14 9.83 37.34
N LEU B 90 41.11 9.02 36.93
CA LEU B 90 40.98 7.55 36.93
C LEU B 90 42.33 6.98 37.34
N GLN B 91 42.31 5.84 38.02
CA GLN B 91 43.54 5.20 38.46
C GLN B 91 43.42 3.67 38.45
N GLN B 92 44.50 3.01 38.09
CA GLN B 92 44.57 1.55 38.04
C GLN B 92 43.40 0.89 37.32
N LEU B 93 43.12 1.29 36.08
CA LEU B 93 42.02 0.68 35.34
C LEU B 93 42.43 0.23 33.94
N SER B 94 41.89 -0.91 33.52
CA SER B 94 42.18 -1.46 32.20
C SER B 94 41.41 -0.70 31.14
N GLN B 95 41.75 -0.91 29.88
CA GLN B 95 41.08 -0.24 28.77
C GLN B 95 39.56 -0.37 28.85
N ASP B 96 39.06 -1.59 29.03
CA ASP B 96 37.62 -1.81 29.10
C ASP B 96 36.94 -1.03 30.22
N ASP B 97 37.54 -1.01 31.40
CA ASP B 97 36.96 -0.28 32.52
C ASP B 97 37.02 1.23 32.32
N VAL B 98 38.05 1.70 31.64
CA VAL B 98 38.19 3.13 31.39
C VAL B 98 37.13 3.58 30.38
N PHE B 99 36.92 2.77 29.34
CA PHE B 99 35.92 3.10 28.32
C PHE B 99 34.54 3.15 28.96
N ALA B 100 34.28 2.25 29.89
CA ALA B 100 33.01 2.19 30.59
C ALA B 100 32.80 3.47 31.39
N GLN B 101 33.86 3.96 32.02
CA GLN B 101 33.79 5.18 32.79
C GLN B 101 33.49 6.35 31.85
N ILE B 102 34.18 6.39 30.72
CA ILE B 102 33.98 7.44 29.74
C ILE B 102 32.54 7.44 29.24
N LYS B 103 32.01 6.26 28.93
CA LYS B 103 30.64 6.17 28.46
C LYS B 103 29.69 6.71 29.52
N ASN B 104 30.06 6.57 30.79
CA ASN B 104 29.24 7.06 31.88
C ASN B 104 29.33 8.58 32.07
N GLU B 105 30.53 9.12 31.83
CA GLU B 105 30.77 10.55 32.00
C GLU B 105 30.43 11.43 30.80
N MSE B 106 30.36 10.85 29.61
CA MSE B 106 30.03 11.61 28.43
C MSE B 106 28.56 12.04 28.53
O MSE B 106 27.80 11.45 29.30
CB MSE B 106 30.22 10.77 27.15
CG MSE B 106 29.37 9.51 27.09
SE MSE B 106 29.53 8.60 25.36
CE MSE B 106 31.44 8.30 25.38
N LEU B 107 28.18 13.04 27.75
CA LEU B 107 26.80 13.52 27.79
C LEU B 107 25.82 12.46 27.26
N SER B 108 26.17 11.84 26.14
CA SER B 108 25.30 10.81 25.55
C SER B 108 26.02 9.92 24.55
N GLU B 109 25.73 8.62 24.62
CA GLU B 109 26.35 7.69 23.70
C GLU B 109 25.73 7.84 22.30
N ASN B 110 24.78 8.77 22.18
CA ASN B 110 24.13 9.02 20.89
C ASN B 110 24.76 10.22 20.18
N LEU B 111 25.82 10.75 20.79
CA LEU B 111 26.55 11.90 20.26
C LEU B 111 28.00 11.54 20.00
N PHE B 112 28.67 12.37 19.21
CA PHE B 112 30.10 12.18 18.95
C PHE B 112 30.74 12.89 20.14
N SER B 113 31.93 12.43 20.54
CA SER B 113 32.64 13.08 21.63
C SER B 113 34.13 12.84 21.44
N ALA B 114 34.93 13.73 22.00
CA ALA B 114 36.38 13.61 21.90
C ALA B 114 36.90 13.35 23.30
N VAL B 115 38.01 12.63 23.39
CA VAL B 115 38.61 12.33 24.69
C VAL B 115 40.09 12.60 24.68
N LYS B 116 40.61 12.95 25.86
CA LYS B 116 42.02 13.22 26.04
C LYS B 116 42.34 12.62 27.40
N ILE B 117 43.16 11.57 27.40
CA ILE B 117 43.54 10.91 28.63
C ILE B 117 45.03 11.15 28.81
N TYR B 118 45.40 11.94 29.81
CA TYR B 118 46.80 12.26 30.06
C TYR B 118 47.29 11.84 31.44
N GLY B 119 48.51 11.34 31.48
CA GLY B 119 49.10 10.89 32.73
C GLY B 119 49.99 9.69 32.51
N THR B 120 50.07 8.82 33.51
CA THR B 120 50.90 7.63 33.42
C THR B 120 50.06 6.40 33.11
N PHE B 121 50.63 5.51 32.29
CA PHE B 121 49.95 4.29 31.87
C PHE B 121 50.80 3.06 32.23
N LYS B 122 50.20 2.11 32.94
CA LYS B 122 50.92 0.90 33.30
C LYS B 122 51.34 0.19 32.02
N HIS B 123 50.40 0.08 31.09
CA HIS B 123 50.63 -0.55 29.80
C HIS B 123 50.12 0.26 28.62
N MSE B 124 50.80 0.15 27.49
CA MSE B 124 50.40 0.82 26.26
C MSE B 124 50.73 -0.09 25.10
O MSE B 124 51.87 -0.55 24.95
CB MSE B 124 51.13 2.15 26.10
CG MSE B 124 50.68 2.94 24.88
SE MSE B 124 48.76 3.30 24.84
CE MSE B 124 48.67 4.46 26.38
N HIS B 125 49.73 -0.37 24.27
CA HIS B 125 49.88 -1.25 23.12
C HIS B 125 49.32 -0.55 21.89
N VAL B 126 50.20 -0.20 20.96
CA VAL B 126 49.78 0.48 19.74
C VAL B 126 50.26 -0.26 18.48
N ARG B 127 49.71 0.12 17.34
CA ARG B 127 50.09 -0.48 16.07
C ARG B 127 50.33 0.66 15.08
N MSE B 128 51.15 0.41 14.07
CA MSE B 128 51.44 1.43 13.06
C MSE B 128 51.04 0.86 11.69
O MSE B 128 51.77 0.06 11.11
CB MSE B 128 52.93 1.79 13.08
CG MSE B 128 53.46 2.21 14.45
SE MSE B 128 53.81 0.74 15.66
CE MSE B 128 55.63 0.34 15.13
N MSE B 129 49.90 1.30 11.18
CA MSE B 129 49.39 0.83 9.90
C MSE B 129 50.44 0.88 8.78
O MSE B 129 50.86 1.96 8.36
CB MSE B 129 48.17 1.64 9.48
CG MSE B 129 47.37 1.02 8.36
SE MSE B 129 46.59 -0.69 8.84
CE MSE B 129 44.86 -0.06 9.46
N PRO B 130 50.88 -0.29 8.29
CA PRO B 130 51.86 -0.33 7.22
C PRO B 130 51.33 0.36 5.97
N ALA B 131 52.19 1.16 5.33
CA ALA B 131 51.80 1.89 4.14
C ALA B 131 51.51 0.98 2.95
N GLN B 132 50.75 1.51 2.00
CA GLN B 132 50.38 0.79 0.79
C GLN B 132 50.80 1.64 -0.40
N GLN B 133 51.18 1.00 -1.50
CA GLN B 133 51.59 1.73 -2.68
C GLN B 133 50.55 1.55 -3.79
N PRO B 134 50.25 2.63 -4.54
CA PRO B 134 49.27 2.58 -5.62
C PRO B 134 49.66 1.62 -6.74
N PRO B 135 48.69 0.90 -7.31
CA PRO B 135 47.26 0.96 -6.96
C PRO B 135 46.99 0.41 -5.57
N TYR B 136 45.94 0.91 -4.93
CA TYR B 136 45.58 0.51 -3.58
C TYR B 136 44.56 -0.62 -3.53
N THR B 137 44.49 -1.29 -2.37
CA THR B 137 43.56 -2.38 -2.15
C THR B 137 42.84 -2.16 -0.82
N ARG B 138 41.96 -3.09 -0.44
CA ARG B 138 41.22 -3.00 0.81
C ARG B 138 42.19 -2.81 1.98
N LEU B 139 42.02 -1.74 2.74
CA LEU B 139 42.88 -1.44 3.87
C LEU B 139 43.03 -2.61 4.85
N ILE B 140 42.07 -3.52 4.83
CA ILE B 140 42.13 -4.67 5.73
C ILE B 140 43.39 -5.50 5.56
N ASP B 141 43.92 -5.56 4.33
CA ASP B 141 45.13 -6.33 4.06
C ASP B 141 46.34 -5.72 4.76
N SER B 142 46.32 -4.40 4.93
CA SER B 142 47.42 -3.70 5.61
C SER B 142 47.43 -4.05 7.10
N ALA B 143 46.25 -4.05 7.72
CA ALA B 143 46.14 -4.37 9.14
C ALA B 143 46.52 -5.82 9.41
N ARG B 144 46.44 -6.66 8.38
CA ARG B 144 46.78 -8.07 8.51
C ARG B 144 48.27 -8.32 8.32
N ARG B 145 49.09 -7.38 8.79
CA ARG B 145 50.54 -7.48 8.69
C ARG B 145 51.12 -6.21 9.30
N GLN B 146 50.37 -5.63 10.23
CA GLN B 146 50.77 -4.40 10.89
C GLN B 146 51.69 -4.63 12.08
N PRO B 147 52.68 -3.74 12.25
CA PRO B 147 53.63 -3.86 13.36
C PRO B 147 52.91 -3.46 14.65
N GLU B 148 53.47 -3.85 15.79
CA GLU B 148 52.87 -3.53 17.09
C GLU B 148 53.95 -3.39 18.15
N GLU B 149 53.92 -2.29 18.89
CA GLU B 149 54.92 -2.06 19.92
C GLU B 149 54.25 -1.75 21.26
N LYS B 150 54.72 -2.41 22.30
CA LYS B 150 54.18 -2.22 23.64
C LYS B 150 55.19 -1.48 24.53
N ARG B 151 54.67 -0.88 25.60
CA ARG B 151 55.49 -0.15 26.56
C ARG B 151 54.87 -0.28 27.93
N GLN B 152 55.62 0.11 28.95
CA GLN B 152 55.13 0.02 30.32
C GLN B 152 55.52 1.26 31.11
N ASP B 153 54.65 1.64 32.04
CA ASP B 153 54.90 2.82 32.88
C ASP B 153 55.41 3.95 32.02
N ILE B 154 54.54 4.42 31.11
CA ILE B 154 54.90 5.49 30.21
C ILE B 154 53.93 6.67 30.35
N ARG B 155 54.48 7.86 30.41
CA ARG B 155 53.69 9.08 30.54
C ARG B 155 53.41 9.65 29.15
N GLY B 156 52.16 10.00 28.90
CA GLY B 156 51.79 10.54 27.62
C GLY B 156 50.31 10.85 27.54
N ALA B 157 49.80 11.01 26.33
CA ALA B 157 48.39 11.33 26.18
C ALA B 157 47.70 10.53 25.10
N ILE B 158 46.51 10.05 25.42
CA ILE B 158 45.68 9.33 24.48
C ILE B 158 44.69 10.38 24.00
N VAL B 159 44.48 10.44 22.70
CA VAL B 159 43.53 11.39 22.13
C VAL B 159 42.71 10.65 21.09
N GLY B 160 41.41 10.89 21.07
CA GLY B 160 40.58 10.19 20.11
C GLY B 160 39.16 10.66 20.12
N PHE B 161 38.29 9.88 19.48
CA PHE B 161 36.89 10.21 19.40
C PHE B 161 35.98 9.02 19.60
N PHE B 162 34.73 9.31 19.98
CA PHE B 162 33.74 8.26 20.16
C PHE B 162 32.71 8.54 19.08
N THR B 163 32.27 7.49 18.41
CA THR B 163 31.29 7.62 17.33
C THR B 163 30.01 6.90 17.71
N PRO B 164 28.86 7.60 17.67
CA PRO B 164 27.58 6.97 18.01
C PRO B 164 27.25 5.86 17.02
N GLU B 165 26.42 4.90 17.43
CA GLU B 165 26.07 3.76 16.59
C GLU B 165 25.67 4.03 15.14
N LEU B 166 24.68 4.89 14.94
CA LEU B 166 24.20 5.18 13.59
C LEU B 166 25.30 5.68 12.63
N PHE B 167 26.37 6.22 13.19
CA PHE B 167 27.45 6.72 12.36
C PHE B 167 28.60 5.73 12.15
N HIS B 168 28.41 4.49 12.59
CA HIS B 168 29.46 3.49 12.39
C HIS B 168 29.66 3.33 10.88
N GLY B 169 30.88 3.56 10.43
CA GLY B 169 31.17 3.47 9.01
C GLY B 169 31.67 4.84 8.56
N VAL B 170 30.89 5.87 8.89
CA VAL B 170 31.26 7.25 8.58
C VAL B 170 32.47 7.51 9.47
N GLY B 171 32.36 7.02 10.70
CA GLY B 171 33.41 7.12 11.69
C GLY B 171 33.63 5.70 12.16
N SER B 172 34.38 5.49 13.23
CA SER B 172 34.62 4.14 13.72
C SER B 172 33.45 3.67 14.59
N ALA B 173 33.47 2.40 15.00
CA ALA B 173 32.41 1.85 15.82
C ALA B 173 32.73 2.00 17.31
N GLY B 174 32.46 3.19 17.86
CA GLY B 174 32.74 3.43 19.26
C GLY B 174 33.98 4.31 19.42
N PHE B 175 34.95 3.84 20.20
CA PHE B 175 36.17 4.59 20.43
C PHE B 175 37.27 4.36 19.39
N HIS B 176 37.92 5.44 19.00
CA HIS B 176 39.03 5.40 18.06
C HIS B 176 40.07 6.35 18.66
N ILE B 177 41.11 5.76 19.23
CA ILE B 177 42.13 6.55 19.90
C ILE B 177 43.57 6.28 19.49
N HIS B 178 44.39 7.32 19.55
CA HIS B 178 45.81 7.23 19.24
C HIS B 178 46.57 7.68 20.47
N PHE B 179 47.87 7.39 20.51
CA PHE B 179 48.70 7.76 21.66
C PHE B 179 50.03 8.36 21.24
N ALA B 180 50.59 9.19 22.11
CA ALA B 180 51.88 9.84 21.89
C ALA B 180 52.45 10.15 23.26
N ASP B 181 53.64 9.64 23.55
CA ASP B 181 54.25 9.90 24.85
C ASP B 181 54.79 11.33 24.93
N ASP B 182 55.05 11.80 26.15
CA ASP B 182 55.57 13.15 26.35
C ASP B 182 56.91 13.34 25.66
N GLU B 183 57.70 12.27 25.61
CA GLU B 183 59.01 12.34 24.96
C GLU B 183 58.89 12.40 23.45
N ARG B 184 57.67 12.32 22.95
CA ARG B 184 57.41 12.37 21.51
C ARG B 184 58.38 11.50 20.72
N ALA B 185 58.37 10.21 21.00
CA ALA B 185 59.26 9.28 20.32
C ALA B 185 58.61 7.90 20.23
N TYR B 186 57.36 7.83 20.67
CA TYR B 186 56.61 6.58 20.65
C TYR B 186 55.10 6.86 20.60
N GLY B 187 54.40 6.17 19.71
CA GLY B 187 52.98 6.37 19.58
C GLY B 187 52.36 5.60 18.44
N GLY B 188 51.05 5.77 18.28
CA GLY B 188 50.34 5.07 17.22
C GLY B 188 48.90 4.79 17.58
N HIS B 189 48.27 3.89 16.82
CA HIS B 189 46.88 3.52 17.05
C HIS B 189 46.80 2.61 18.27
N VAL B 190 46.05 3.04 19.28
CA VAL B 190 45.91 2.27 20.51
C VAL B 190 45.07 1.01 20.31
N LEU B 191 45.61 -0.12 20.78
CA LEU B 191 44.92 -1.39 20.68
C LEU B 191 44.52 -1.85 22.08
N ASP B 192 45.28 -1.41 23.08
CA ASP B 192 45.00 -1.77 24.47
C ASP B 192 45.83 -0.90 25.41
N PHE B 193 45.41 -0.83 26.67
CA PHE B 193 46.15 -0.03 27.64
C PHE B 193 45.61 -0.20 29.04
N GLU B 194 46.39 0.26 30.01
CA GLU B 194 46.01 0.22 31.42
C GLU B 194 46.54 1.50 32.04
N VAL B 195 45.64 2.33 32.57
CA VAL B 195 46.04 3.58 33.18
C VAL B 195 46.58 3.38 34.57
N ASP B 196 47.53 4.22 34.96
CA ASP B 196 48.11 4.17 36.29
C ASP B 196 47.50 5.34 37.03
N ASP B 197 47.83 6.55 36.56
CA ASP B 197 47.32 7.78 37.16
C ASP B 197 47.07 8.76 36.04
N VAL B 198 45.81 9.01 35.71
CA VAL B 198 45.48 9.94 34.63
C VAL B 198 44.29 10.83 34.93
N VAL B 199 44.10 11.82 34.07
CA VAL B 199 42.98 12.74 34.14
C VAL B 199 42.31 12.62 32.77
N VAL B 200 40.99 12.46 32.77
CA VAL B 200 40.27 12.32 31.52
C VAL B 200 39.45 13.57 31.23
N GLU B 201 39.55 14.04 29.99
CA GLU B 201 38.77 15.19 29.55
C GLU B 201 37.91 14.73 28.38
N ILE B 202 36.63 15.09 28.41
CA ILE B 202 35.71 14.71 27.35
C ILE B 202 35.03 15.94 26.77
N GLN B 203 34.94 16.00 25.45
CA GLN B 203 34.27 17.10 24.78
C GLN B 203 33.05 16.51 24.06
N ASN B 204 31.86 17.00 24.40
CA ASN B 204 30.62 16.52 23.79
C ASN B 204 30.32 17.39 22.57
N PHE B 205 30.19 16.76 21.41
CA PHE B 205 29.93 17.51 20.19
C PHE B 205 28.46 17.71 19.86
N GLU B 206 28.16 18.93 19.42
CA GLU B 206 26.80 19.30 19.03
C GLU B 206 26.72 19.31 17.51
N THR B 207 27.87 19.45 16.86
CA THR B 207 27.93 19.48 15.41
C THR B 207 29.02 18.58 14.82
N PHE B 208 28.67 17.90 13.73
CA PHE B 208 29.61 17.02 13.04
C PHE B 208 29.80 17.57 11.63
N GLN B 209 30.98 18.12 11.37
CA GLN B 209 31.29 18.70 10.07
C GLN B 209 32.08 17.70 9.22
N GLN B 210 31.43 17.16 8.20
CA GLN B 210 32.04 16.18 7.31
C GLN B 210 32.45 16.81 5.98
N HIS B 211 33.75 16.81 5.71
CA HIS B 211 34.27 17.39 4.48
C HIS B 211 34.54 16.27 3.46
N PHE B 212 34.36 16.59 2.19
CA PHE B 212 34.56 15.65 1.09
C PHE B 212 35.58 16.16 0.07
N PRO B 213 36.37 15.26 -0.53
CA PRO B 213 37.38 15.65 -1.51
C PRO B 213 36.78 15.77 -2.91
N VAL B 214 35.96 16.80 -3.11
CA VAL B 214 35.29 17.02 -4.40
C VAL B 214 36.22 17.21 -5.58
N ASN B 215 37.51 17.42 -5.32
CA ASN B 215 38.48 17.62 -6.39
C ASN B 215 39.34 16.39 -6.67
N ASN B 216 39.08 15.31 -5.95
CA ASN B 216 39.83 14.07 -6.14
C ASN B 216 39.11 13.20 -7.16
N GLU B 217 39.59 13.24 -8.40
CA GLU B 217 39.00 12.47 -9.49
C GLU B 217 38.67 11.03 -9.10
N THR B 218 39.62 10.36 -8.45
CA THR B 218 39.42 8.98 -8.04
C THR B 218 38.15 8.86 -7.21
N PHE B 219 38.11 9.57 -6.10
CA PHE B 219 36.94 9.54 -5.22
C PHE B 219 35.66 9.88 -5.98
N VAL B 220 35.74 10.91 -6.81
CA VAL B 220 34.59 11.34 -7.60
C VAL B 220 34.04 10.27 -8.53
N LYS B 221 34.91 9.67 -9.33
CA LYS B 221 34.50 8.65 -10.30
C LYS B 221 34.49 7.23 -9.75
N ALA B 222 35.02 7.03 -8.55
CA ALA B 222 35.08 5.70 -7.97
C ALA B 222 33.71 5.09 -7.67
N LYS B 223 33.62 3.76 -7.83
CA LYS B 223 32.41 3.01 -7.52
C LYS B 223 32.82 2.25 -6.28
N ILE B 224 32.68 2.90 -5.13
CA ILE B 224 33.08 2.33 -3.85
C ILE B 224 32.25 1.14 -3.39
N ASP B 225 32.95 0.06 -3.04
CA ASP B 225 32.28 -1.15 -2.55
C ASP B 225 32.44 -1.22 -1.04
N TYR B 226 31.31 -1.26 -0.33
CA TYR B 226 31.29 -1.30 1.12
C TYR B 226 30.92 -2.66 1.67
N LYS B 227 30.81 -3.65 0.79
CA LYS B 227 30.44 -5.00 1.22
C LYS B 227 31.38 -5.50 2.31
N ASP B 228 30.80 -5.90 3.44
CA ASP B 228 31.54 -6.42 4.59
C ASP B 228 32.46 -5.40 5.27
N VAL B 229 32.30 -4.12 4.94
CA VAL B 229 33.14 -3.09 5.54
C VAL B 229 32.99 -3.06 7.06
N ALA B 230 31.77 -3.33 7.54
CA ALA B 230 31.49 -3.34 8.96
C ALA B 230 32.35 -4.34 9.72
N GLU B 231 32.50 -5.54 9.17
CA GLU B 231 33.28 -6.59 9.80
C GLU B 231 34.78 -6.37 9.67
N GLU B 232 35.21 -5.75 8.56
CA GLU B 232 36.62 -5.51 8.35
C GLU B 232 37.14 -4.44 9.32
N ILE B 233 36.22 -3.63 9.86
CA ILE B 233 36.59 -2.59 10.80
C ILE B 233 36.73 -3.18 12.20
N ARG B 234 35.94 -4.22 12.50
CA ARG B 234 35.99 -4.87 13.79
C ARG B 234 37.33 -5.58 13.93
N GLU B 235 37.87 -6.00 12.79
CA GLU B 235 39.15 -6.69 12.75
C GLU B 235 40.32 -5.71 12.64
N ALA B 236 40.26 -4.84 11.64
CA ALA B 236 41.32 -3.87 11.39
C ALA B 236 41.26 -2.63 12.28
N GLU B 237 40.11 -1.96 12.26
CA GLU B 237 39.86 -0.73 13.03
C GLU B 237 40.91 0.36 12.80
N THR C 5 -25.64 -4.38 7.01
CA THR C 5 -24.98 -3.11 6.58
C THR C 5 -23.74 -3.43 5.75
N ASN C 6 -23.46 -4.72 5.63
CA ASN C 6 -22.30 -5.16 4.85
C ASN C 6 -22.79 -5.44 3.43
N VAL C 7 -22.27 -4.65 2.49
CA VAL C 7 -22.66 -4.78 1.09
C VAL C 7 -21.51 -5.19 0.17
N LEU C 8 -21.77 -6.16 -0.68
CA LEU C 8 -20.76 -6.60 -1.65
C LEU C 8 -21.13 -5.92 -2.96
N TYR C 9 -20.17 -5.21 -3.55
CA TYR C 9 -20.41 -4.50 -4.80
C TYR C 9 -19.76 -5.21 -5.99
N GLN C 10 -20.49 -5.31 -7.09
CA GLN C 10 -19.94 -5.94 -8.26
C GLN C 10 -20.27 -5.10 -9.48
N HIS C 11 -19.31 -4.97 -10.38
CA HIS C 11 -19.54 -4.22 -11.62
C HIS C 11 -19.35 -5.23 -12.74
N GLY C 12 -20.41 -5.44 -13.52
CA GLY C 12 -20.34 -6.42 -14.59
C GLY C 12 -20.41 -7.81 -13.96
N THR C 13 -20.33 -8.85 -14.78
CA THR C 13 -20.41 -10.20 -14.27
C THR C 13 -19.34 -11.09 -14.87
N LEU C 14 -19.02 -12.18 -14.17
CA LEU C 14 -18.02 -13.11 -14.66
C LEU C 14 -18.52 -13.82 -15.93
N GLY C 15 -19.79 -14.23 -15.91
CA GLY C 15 -20.35 -14.92 -17.06
C GLY C 15 -20.28 -14.10 -18.33
N THR C 16 -20.59 -12.82 -18.24
CA THR C 16 -20.54 -11.94 -19.40
C THR C 16 -19.09 -11.75 -19.85
N LEU C 17 -18.16 -11.72 -18.90
CA LEU C 17 -16.74 -11.57 -19.22
C LEU C 17 -16.28 -12.82 -19.96
N MSE C 18 -16.69 -13.98 -19.45
CA MSE C 18 -16.34 -15.25 -20.08
C MSE C 18 -16.91 -15.33 -21.48
O MSE C 18 -16.31 -15.93 -22.38
CB MSE C 18 -16.85 -16.42 -19.23
CG MSE C 18 -16.20 -16.57 -17.86
SE MSE C 18 -14.33 -17.13 -17.91
CE MSE C 18 -14.59 -18.98 -18.31
N ALA C 19 -18.07 -14.71 -21.67
CA ALA C 19 -18.76 -14.70 -22.95
C ALA C 19 -17.95 -13.95 -24.01
N GLY C 20 -17.01 -13.12 -23.57
CA GLY C 20 -16.19 -12.39 -24.54
C GLY C 20 -16.29 -10.88 -24.54
N LEU C 21 -17.10 -10.29 -23.68
CA LEU C 21 -17.21 -8.84 -23.62
C LEU C 21 -16.11 -8.35 -22.69
N LEU C 22 -14.96 -8.03 -23.27
CA LEU C 22 -13.81 -7.60 -22.50
C LEU C 22 -13.54 -6.09 -22.43
N GLU C 23 -14.39 -5.29 -23.07
CA GLU C 23 -14.24 -3.83 -23.04
C GLU C 23 -14.31 -3.32 -21.61
N GLY C 24 -13.45 -2.37 -21.28
CA GLY C 24 -13.45 -1.80 -19.94
C GLY C 24 -14.64 -0.86 -19.83
N THR C 25 -15.43 -0.99 -18.76
CA THR C 25 -16.63 -0.17 -18.62
C THR C 25 -16.74 0.68 -17.35
N ALA C 26 -15.73 0.61 -16.49
CA ALA C 26 -15.70 1.40 -15.26
C ALA C 26 -14.22 1.62 -14.93
N THR C 27 -13.92 2.72 -14.26
CA THR C 27 -12.54 3.01 -13.92
C THR C 27 -12.16 2.45 -12.54
N ILE C 28 -10.87 2.35 -12.29
CA ILE C 28 -10.39 1.86 -11.01
C ILE C 28 -10.89 2.82 -9.93
N ASN C 29 -10.75 4.12 -10.19
CA ASN C 29 -11.19 5.16 -9.26
C ASN C 29 -12.67 5.00 -8.91
N GLU C 30 -13.51 4.74 -9.91
CA GLU C 30 -14.93 4.57 -9.66
C GLU C 30 -15.18 3.38 -8.74
N LEU C 31 -14.43 2.30 -8.94
CA LEU C 31 -14.59 1.10 -8.11
C LEU C 31 -14.16 1.36 -6.66
N LEU C 32 -13.04 2.07 -6.50
CA LEU C 32 -12.54 2.38 -5.17
C LEU C 32 -13.54 3.19 -4.34
N GLU C 33 -14.47 3.85 -5.00
CA GLU C 33 -15.48 4.61 -4.28
C GLU C 33 -16.42 3.64 -3.55
N HIS C 34 -16.38 2.37 -3.95
CA HIS C 34 -17.24 1.33 -3.37
C HIS C 34 -16.57 0.37 -2.41
N GLY C 35 -15.26 0.46 -2.25
CA GLY C 35 -14.57 -0.46 -1.35
C GLY C 35 -13.08 -0.31 -1.29
N ASN C 36 -12.44 -1.17 -0.49
CA ASN C 36 -10.99 -1.15 -0.32
C ASN C 36 -10.36 -2.55 -0.38
N LEU C 37 -11.18 -3.56 -0.71
CA LEU C 37 -10.70 -4.93 -0.81
C LEU C 37 -11.50 -5.66 -1.88
N GLY C 38 -10.81 -6.23 -2.87
CA GLY C 38 -11.52 -6.93 -3.92
C GLY C 38 -10.63 -7.46 -5.03
N ILE C 39 -11.28 -7.81 -6.13
CA ILE C 39 -10.58 -8.39 -7.28
C ILE C 39 -11.18 -7.90 -8.59
N ALA C 40 -10.36 -7.89 -9.64
CA ALA C 40 -10.82 -7.46 -10.95
C ALA C 40 -9.78 -7.80 -12.02
N THR C 41 -9.99 -7.23 -13.19
CA THR C 41 -9.09 -7.38 -14.33
C THR C 41 -9.29 -6.10 -15.14
N LEU C 42 -8.44 -5.88 -16.13
CA LEU C 42 -8.54 -4.67 -16.95
C LEU C 42 -9.09 -4.99 -18.34
N THR C 43 -9.24 -3.95 -19.15
CA THR C 43 -9.73 -4.08 -20.52
C THR C 43 -9.02 -5.23 -21.23
N GLY C 44 -9.79 -6.04 -21.97
CA GLY C 44 -9.21 -7.17 -22.68
C GLY C 44 -8.85 -8.27 -21.70
N SER C 45 -9.36 -8.14 -20.49
CA SER C 45 -9.09 -9.09 -19.42
C SER C 45 -7.59 -9.21 -19.24
N ASP C 46 -6.92 -8.07 -19.27
CA ASP C 46 -5.48 -8.02 -19.11
C ASP C 46 -5.03 -8.10 -17.65
N GLY C 47 -4.47 -9.25 -17.30
CA GLY C 47 -3.95 -9.42 -15.96
C GLY C 47 -4.91 -9.54 -14.81
N GLU C 48 -4.35 -9.32 -13.63
CA GLU C 48 -5.07 -9.44 -12.37
C GLU C 48 -5.03 -8.19 -11.53
N VAL C 49 -6.21 -7.73 -11.12
CA VAL C 49 -6.26 -6.55 -10.28
C VAL C 49 -6.52 -7.01 -8.85
N ILE C 50 -5.80 -6.42 -7.90
CA ILE C 50 -5.98 -6.77 -6.50
C ILE C 50 -6.26 -5.49 -5.72
N PHE C 51 -7.44 -5.40 -5.10
CA PHE C 51 -7.76 -4.24 -4.29
C PHE C 51 -7.34 -4.66 -2.87
N LEU C 52 -6.33 -3.99 -2.33
CA LEU C 52 -5.83 -4.32 -1.00
C LEU C 52 -5.49 -3.08 -0.20
N ASP C 53 -6.12 -2.94 0.97
CA ASP C 53 -5.90 -1.81 1.86
C ASP C 53 -6.19 -0.47 1.19
N GLY C 54 -7.18 -0.45 0.30
CA GLY C 54 -7.54 0.78 -0.37
C GLY C 54 -6.73 1.09 -1.61
N LYS C 55 -5.77 0.24 -1.95
CA LYS C 55 -4.95 0.47 -3.13
C LYS C 55 -5.28 -0.54 -4.23
N ALA C 56 -5.04 -0.16 -5.48
CA ALA C 56 -5.30 -1.04 -6.62
C ALA C 56 -3.99 -1.46 -7.29
N TYR C 57 -3.70 -2.75 -7.23
CA TYR C 57 -2.49 -3.30 -7.83
C TYR C 57 -2.84 -4.14 -9.07
N HIS C 58 -1.90 -4.18 -10.01
CA HIS C 58 -2.08 -4.94 -11.24
C HIS C 58 -0.87 -5.81 -11.56
N ALA C 59 -1.12 -7.10 -11.74
CA ALA C 59 -0.07 -8.08 -12.07
C ALA C 59 -0.44 -8.62 -13.46
N ASN C 60 0.46 -8.47 -14.43
CA ASN C 60 0.15 -8.97 -15.76
C ASN C 60 0.96 -10.18 -16.21
N GLU C 61 0.69 -10.63 -17.42
CA GLU C 61 1.33 -11.79 -18.01
C GLU C 61 2.84 -11.67 -18.18
N HIS C 62 3.33 -10.43 -18.22
CA HIS C 62 4.77 -10.19 -18.39
C HIS C 62 5.50 -10.10 -17.04
N LYS C 63 4.81 -10.50 -15.98
CA LYS C 63 5.37 -10.51 -14.64
C LYS C 63 5.58 -9.12 -14.03
N GLU C 64 4.90 -8.12 -14.57
CA GLU C 64 5.01 -6.77 -14.03
C GLU C 64 3.97 -6.65 -12.92
N PHE C 65 4.28 -5.88 -11.88
CA PHE C 65 3.37 -5.67 -10.76
C PHE C 65 3.46 -4.19 -10.40
N ILE C 66 2.35 -3.47 -10.55
CA ILE C 66 2.35 -2.04 -10.28
C ILE C 66 1.10 -1.56 -9.56
N GLU C 67 1.12 -0.32 -9.10
CA GLU C 67 -0.05 0.25 -8.46
C GLU C 67 -0.68 1.09 -9.56
N LEU C 68 -1.94 0.82 -9.87
CA LEU C 68 -2.65 1.54 -10.92
C LEU C 68 -2.83 3.02 -10.59
N LYS C 69 -2.92 3.86 -11.62
CA LYS C 69 -3.10 5.29 -11.41
C LYS C 69 -4.53 5.64 -11.02
N GLY C 70 -5.49 4.88 -11.54
CA GLY C 70 -6.88 5.12 -11.21
C GLY C 70 -7.78 5.33 -12.40
N ASP C 71 -7.19 5.60 -13.56
CA ASP C 71 -7.96 5.85 -14.76
C ASP C 71 -8.12 4.61 -15.65
N GLU C 72 -7.42 3.53 -15.30
CA GLU C 72 -7.51 2.30 -16.08
C GLU C 72 -8.93 1.75 -15.97
N LYS C 73 -9.42 1.13 -17.04
CA LYS C 73 -10.78 0.59 -17.06
C LYS C 73 -10.86 -0.90 -16.79
N VAL C 74 -11.97 -1.33 -16.18
CA VAL C 74 -12.19 -2.74 -15.86
C VAL C 74 -13.50 -3.24 -16.45
N PRO C 75 -13.51 -4.45 -17.01
CA PRO C 75 -14.74 -4.98 -17.59
C PRO C 75 -15.55 -5.75 -16.53
N TYR C 76 -14.89 -6.07 -15.42
CA TYR C 76 -15.50 -6.83 -14.34
C TYR C 76 -14.71 -6.63 -13.07
N ALA C 77 -15.43 -6.44 -11.96
CA ALA C 77 -14.79 -6.24 -10.67
C ALA C 77 -15.77 -6.48 -9.53
N SER C 78 -15.22 -6.86 -8.37
CA SER C 78 -16.00 -7.09 -7.16
C SER C 78 -15.22 -6.39 -6.06
N ILE C 79 -15.88 -5.60 -5.23
CA ILE C 79 -15.18 -4.87 -4.18
C ILE C 79 -16.07 -4.61 -2.98
N THR C 80 -15.47 -4.46 -1.80
CA THR C 80 -16.22 -4.21 -0.58
C THR C 80 -15.44 -3.34 0.39
N ASN C 81 -16.17 -2.60 1.23
CA ASN C 81 -15.54 -1.78 2.27
C ASN C 81 -15.38 -2.82 3.38
N PHE C 82 -14.25 -3.51 3.39
CA PHE C 82 -13.99 -4.59 4.33
C PHE C 82 -14.06 -4.27 5.81
N LYS C 83 -14.91 -5.03 6.50
CA LYS C 83 -15.14 -4.89 7.93
C LYS C 83 -15.24 -6.31 8.47
N ALA C 84 -14.16 -6.81 9.06
CA ALA C 84 -14.11 -8.16 9.61
C ALA C 84 -14.96 -8.34 10.85
N SER C 85 -15.87 -9.31 10.81
CA SER C 85 -16.72 -9.60 11.96
C SER C 85 -16.13 -10.77 12.73
N LYS C 86 -15.25 -11.51 12.08
CA LYS C 86 -14.60 -12.65 12.72
C LYS C 86 -13.15 -12.77 12.27
N THR C 87 -12.27 -13.05 13.23
CA THR C 87 -10.85 -13.21 12.98
C THR C 87 -10.39 -14.50 13.65
N PHE C 88 -9.60 -15.30 12.94
CA PHE C 88 -9.07 -16.53 13.52
C PHE C 88 -7.79 -16.94 12.79
N PRO C 89 -6.87 -17.59 13.52
CA PRO C 89 -5.60 -18.02 12.93
C PRO C 89 -5.67 -19.43 12.34
N LEU C 90 -4.76 -19.70 11.41
CA LEU C 90 -4.65 -21.03 10.79
C LEU C 90 -3.17 -21.26 10.53
N GLN C 91 -2.76 -22.51 10.54
CA GLN C 91 -1.36 -22.81 10.29
C GLN C 91 -1.20 -24.19 9.71
N GLN C 92 -0.22 -24.33 8.82
CA GLN C 92 0.08 -25.62 8.21
C GLN C 92 -1.16 -26.34 7.67
N LEU C 93 -1.77 -25.75 6.65
CA LEU C 93 -2.94 -26.34 6.03
C LEU C 93 -2.97 -26.09 4.53
N SER C 94 -3.41 -27.10 3.78
CA SER C 94 -3.53 -27.01 2.33
C SER C 94 -4.69 -26.08 2.00
N GLN C 95 -4.80 -25.70 0.74
CA GLN C 95 -5.89 -24.84 0.31
C GLN C 95 -7.26 -25.44 0.63
N ASP C 96 -7.47 -26.70 0.30
CA ASP C 96 -8.76 -27.30 0.58
C ASP C 96 -9.10 -27.31 2.08
N ASP C 97 -8.10 -27.50 2.93
CA ASP C 97 -8.33 -27.52 4.37
C ASP C 97 -8.59 -26.10 4.88
N VAL C 98 -7.96 -25.12 4.25
CA VAL C 98 -8.19 -23.74 4.64
C VAL C 98 -9.63 -23.39 4.27
N PHE C 99 -10.02 -23.76 3.05
CA PHE C 99 -11.38 -23.49 2.60
C PHE C 99 -12.41 -24.17 3.49
N ALA C 100 -12.10 -25.36 3.99
CA ALA C 100 -13.01 -26.09 4.86
C ALA C 100 -13.23 -25.32 6.15
N GLN C 101 -12.16 -24.76 6.70
CA GLN C 101 -12.24 -24.00 7.94
C GLN C 101 -13.03 -22.71 7.73
N ILE C 102 -12.76 -22.03 6.61
CA ILE C 102 -13.46 -20.79 6.33
C ILE C 102 -14.95 -21.04 6.15
N LYS C 103 -15.31 -22.16 5.53
CA LYS C 103 -16.72 -22.45 5.34
C LYS C 103 -17.40 -22.80 6.66
N ASN C 104 -16.62 -23.24 7.63
CA ASN C 104 -17.17 -23.56 8.94
C ASN C 104 -17.27 -22.29 9.78
N GLU C 105 -16.46 -21.30 9.46
CA GLU C 105 -16.45 -20.05 10.21
C GLU C 105 -17.35 -18.95 9.65
N MSE C 106 -17.69 -19.03 8.38
CA MSE C 106 -18.56 -18.03 7.76
C MSE C 106 -19.99 -18.21 8.29
O MSE C 106 -20.33 -19.27 8.79
CB MSE C 106 -18.59 -18.19 6.23
CG MSE C 106 -19.12 -19.54 5.74
SE MSE C 106 -19.21 -19.70 3.81
CE MSE C 106 -17.42 -19.07 3.38
N LEU C 107 -20.81 -17.16 8.17
CA LEU C 107 -22.18 -17.25 8.64
C LEU C 107 -22.96 -18.31 7.85
N SER C 108 -22.82 -18.31 6.53
CA SER C 108 -23.55 -19.28 5.71
C SER C 108 -23.01 -19.47 4.30
N GLU C 109 -23.05 -20.71 3.82
CA GLU C 109 -22.61 -21.02 2.46
C GLU C 109 -23.65 -20.52 1.45
N ASN C 110 -24.77 -20.03 1.95
CA ASN C 110 -25.84 -19.54 1.09
C ASN C 110 -25.77 -18.03 0.92
N LEU C 111 -24.72 -17.44 1.50
CA LEU C 111 -24.52 -16.00 1.45
C LEU C 111 -23.19 -15.70 0.79
N PHE C 112 -23.02 -14.46 0.34
CA PHE C 112 -21.75 -14.01 -0.23
C PHE C 112 -20.95 -13.61 1.00
N SER C 113 -19.62 -13.67 0.91
CA SER C 113 -18.77 -13.24 2.03
C SER C 113 -17.42 -12.85 1.48
N ALA C 114 -16.66 -12.10 2.27
CA ALA C 114 -15.34 -11.67 1.83
C ALA C 114 -14.33 -12.23 2.80
N VAL C 115 -13.12 -12.49 2.30
CA VAL C 115 -12.08 -13.03 3.14
C VAL C 115 -10.76 -12.35 2.86
N LYS C 116 -9.91 -12.33 3.88
CA LYS C 116 -8.58 -11.76 3.80
C LYS C 116 -7.73 -12.77 4.58
N ILE C 117 -6.69 -13.29 3.95
CA ILE C 117 -5.80 -14.25 4.59
C ILE C 117 -4.40 -13.64 4.51
N TYR C 118 -3.88 -13.22 5.66
CA TYR C 118 -2.57 -12.58 5.71
C TYR C 118 -1.54 -13.31 6.57
N GLY C 119 -0.32 -13.41 6.05
CA GLY C 119 0.74 -14.07 6.79
C GLY C 119 1.75 -14.73 5.87
N THR C 120 2.31 -15.85 6.33
CA THR C 120 3.29 -16.57 5.53
C THR C 120 2.66 -17.82 4.91
N PHE C 121 3.02 -18.07 3.66
CA PHE C 121 2.49 -19.21 2.90
C PHE C 121 3.66 -20.13 2.51
N LYS C 122 3.51 -21.42 2.81
CA LYS C 122 4.53 -22.41 2.46
C LYS C 122 4.61 -22.48 0.93
N HIS C 123 3.45 -22.39 0.28
CA HIS C 123 3.37 -22.43 -1.17
C HIS C 123 2.31 -21.47 -1.65
N MSE C 124 2.54 -20.91 -2.84
CA MSE C 124 1.59 -20.00 -3.47
C MSE C 124 1.66 -20.23 -4.98
O MSE C 124 2.74 -20.29 -5.56
CB MSE C 124 1.89 -18.54 -3.12
CG MSE C 124 0.77 -17.90 -2.32
SE MSE C 124 -0.87 -17.62 -3.36
CE MSE C 124 -1.35 -19.37 -3.78
N HIS C 125 0.49 -20.37 -5.60
CA HIS C 125 0.39 -20.64 -7.02
C HIS C 125 -0.67 -19.73 -7.66
N VAL C 126 -0.23 -18.83 -8.51
CA VAL C 126 -1.16 -17.90 -9.17
C VAL C 126 -1.01 -17.93 -10.69
N ARG C 127 -1.99 -17.35 -11.36
CA ARG C 127 -1.94 -17.23 -12.80
C ARG C 127 -2.18 -15.75 -13.09
N MSE C 128 -1.73 -15.28 -14.25
CA MSE C 128 -1.94 -13.90 -14.62
C MSE C 128 -2.63 -13.96 -15.97
O MSE C 128 -2.00 -14.30 -16.98
CB MSE C 128 -0.60 -13.15 -14.73
CG MSE C 128 0.20 -13.11 -13.44
SE MSE C 128 1.28 -14.70 -13.18
CE MSE C 128 2.67 -13.94 -12.06
N MSE C 129 -3.91 -13.64 -16.00
CA MSE C 129 -4.68 -13.71 -17.23
C MSE C 129 -4.02 -12.91 -18.35
O MSE C 129 -3.75 -11.71 -18.22
CB MSE C 129 -6.10 -13.23 -16.99
CG MSE C 129 -7.09 -13.64 -18.09
SE MSE C 129 -7.35 -15.58 -18.19
CE MSE C 129 -8.82 -15.71 -16.92
N PRO C 130 -3.72 -13.58 -19.47
CA PRO C 130 -3.07 -12.88 -20.59
C PRO C 130 -4.09 -12.01 -21.34
N ALA C 131 -3.66 -10.82 -21.73
CA ALA C 131 -4.55 -9.90 -22.44
C ALA C 131 -4.95 -10.40 -23.82
N GLN C 132 -6.15 -10.04 -24.22
CA GLN C 132 -6.67 -10.41 -25.52
C GLN C 132 -6.71 -9.16 -26.37
N GLN C 133 -6.35 -9.31 -27.64
CA GLN C 133 -6.39 -8.20 -28.57
C GLN C 133 -7.75 -8.27 -29.24
N PRO C 134 -8.43 -7.13 -29.43
CA PRO C 134 -9.73 -7.19 -30.08
C PRO C 134 -9.47 -7.62 -31.53
N PRO C 135 -10.47 -8.22 -32.20
CA PRO C 135 -11.82 -8.52 -31.70
C PRO C 135 -11.79 -9.61 -30.63
N TYR C 136 -12.53 -9.38 -29.56
CA TYR C 136 -12.57 -10.31 -28.43
C TYR C 136 -13.28 -11.64 -28.68
N THR C 137 -12.82 -12.67 -27.98
CA THR C 137 -13.40 -14.01 -28.07
C THR C 137 -13.56 -14.55 -26.64
N ARG C 138 -14.17 -15.72 -26.53
CA ARG C 138 -14.39 -16.39 -25.24
C ARG C 138 -13.15 -16.31 -24.37
N LEU C 139 -13.33 -15.94 -23.11
CA LEU C 139 -12.19 -15.82 -22.20
C LEU C 139 -11.49 -17.14 -21.93
N ILE C 140 -12.19 -18.25 -22.08
CA ILE C 140 -11.58 -19.55 -21.84
C ILE C 140 -10.35 -19.73 -22.73
N ASP C 141 -10.33 -19.07 -23.89
CA ASP C 141 -9.18 -19.18 -24.78
C ASP C 141 -7.94 -18.61 -24.09
N SER C 142 -8.14 -17.52 -23.35
CA SER C 142 -7.05 -16.87 -22.62
C SER C 142 -6.55 -17.73 -21.45
N ALA C 143 -7.48 -18.26 -20.66
CA ALA C 143 -7.11 -19.08 -19.52
C ALA C 143 -6.31 -20.31 -19.94
N ARG C 144 -6.62 -20.86 -21.10
CA ARG C 144 -5.92 -22.04 -21.61
C ARG C 144 -4.47 -21.80 -22.04
N ARG C 145 -4.06 -20.53 -22.10
CA ARG C 145 -2.69 -20.17 -22.47
C ARG C 145 -2.13 -19.19 -21.44
N GLN C 146 -2.68 -19.24 -20.24
CA GLN C 146 -2.26 -18.34 -19.17
C GLN C 146 -0.92 -18.70 -18.54
N PRO C 147 -0.12 -17.69 -18.19
CA PRO C 147 1.16 -17.97 -17.56
C PRO C 147 0.87 -18.15 -16.06
N GLU C 148 1.62 -19.04 -15.42
CA GLU C 148 1.45 -19.31 -14.00
C GLU C 148 2.81 -19.24 -13.34
N GLU C 149 2.83 -18.97 -12.03
CA GLU C 149 4.10 -18.89 -11.31
C GLU C 149 3.90 -19.26 -9.86
N LYS C 150 4.79 -20.10 -9.35
CA LYS C 150 4.71 -20.55 -7.96
C LYS C 150 5.87 -19.99 -7.14
N ARG C 151 5.62 -19.76 -5.87
CA ARG C 151 6.63 -19.24 -4.94
C ARG C 151 6.49 -20.02 -3.63
N GLN C 152 7.60 -20.17 -2.91
CA GLN C 152 7.55 -20.87 -1.64
C GLN C 152 7.90 -19.89 -0.52
N ASP C 153 7.38 -20.15 0.68
CA ASP C 153 7.68 -19.32 1.85
C ASP C 153 7.63 -17.84 1.54
N ILE C 154 6.45 -17.38 1.15
CA ILE C 154 6.26 -15.98 0.80
C ILE C 154 5.24 -15.35 1.75
N ARG C 155 5.44 -14.09 2.06
CA ARG C 155 4.56 -13.37 2.97
C ARG C 155 3.70 -12.40 2.18
N GLY C 156 2.40 -12.40 2.49
CA GLY C 156 1.51 -11.51 1.77
C GLY C 156 0.07 -11.64 2.19
N ALA C 157 -0.83 -11.20 1.33
CA ALA C 157 -2.25 -11.25 1.62
C ALA C 157 -3.10 -11.78 0.48
N ILE C 158 -4.02 -12.67 0.81
CA ILE C 158 -4.96 -13.20 -0.16
C ILE C 158 -6.25 -12.45 0.14
N VAL C 159 -6.92 -11.96 -0.89
CA VAL C 159 -8.19 -11.26 -0.71
C VAL C 159 -9.16 -11.83 -1.73
N GLY C 160 -10.42 -11.96 -1.36
CA GLY C 160 -11.38 -12.52 -2.29
C GLY C 160 -12.78 -12.65 -1.73
N PHE C 161 -13.61 -13.39 -2.44
CA PHE C 161 -15.00 -13.57 -2.06
C PHE C 161 -15.51 -14.98 -2.25
N PHE C 162 -16.51 -15.35 -1.44
CA PHE C 162 -17.16 -16.63 -1.55
C PHE C 162 -18.51 -16.33 -2.17
N THR C 163 -18.86 -17.05 -3.23
CA THR C 163 -20.13 -16.86 -3.92
C THR C 163 -21.00 -18.09 -3.69
N PRO C 164 -22.23 -17.89 -3.20
CA PRO C 164 -23.15 -19.03 -2.97
C PRO C 164 -23.49 -19.71 -4.28
N GLU C 165 -23.79 -21.00 -4.21
CA GLU C 165 -24.09 -21.82 -5.39
C GLU C 165 -25.02 -21.25 -6.46
N LEU C 166 -26.17 -20.74 -6.05
CA LEU C 166 -27.15 -20.20 -6.99
C LEU C 166 -26.58 -19.06 -7.86
N PHE C 167 -25.58 -18.37 -7.34
CA PHE C 167 -25.02 -17.25 -8.08
C PHE C 167 -23.84 -17.59 -9.01
N HIS C 168 -23.60 -18.87 -9.23
CA HIS C 168 -22.53 -19.29 -10.13
C HIS C 168 -22.89 -18.75 -11.51
N GLY C 169 -21.96 -18.01 -12.11
CA GLY C 169 -22.22 -17.42 -13.41
C GLY C 169 -22.17 -15.92 -13.22
N VAL C 170 -22.93 -15.43 -12.24
CA VAL C 170 -22.93 -14.02 -11.90
C VAL C 170 -21.54 -13.80 -11.30
N GLY C 171 -21.09 -14.83 -10.60
CA GLY C 171 -19.77 -14.83 -9.98
C GLY C 171 -19.26 -16.26 -10.12
N SER C 172 -18.21 -16.61 -9.40
CA SER C 172 -17.67 -17.96 -9.46
C SER C 172 -18.07 -18.66 -8.16
N ALA C 173 -18.96 -19.64 -8.23
CA ALA C 173 -19.40 -20.33 -7.02
C ALA C 173 -18.18 -20.82 -6.23
N GLY C 174 -18.20 -20.60 -4.92
CA GLY C 174 -17.08 -21.00 -4.11
C GLY C 174 -16.16 -19.81 -3.92
N PHE C 175 -14.87 -20.07 -3.70
CA PHE C 175 -13.91 -19.00 -3.48
C PHE C 175 -13.25 -18.49 -4.76
N HIS C 176 -13.14 -17.17 -4.85
CA HIS C 176 -12.47 -16.52 -5.96
C HIS C 176 -11.55 -15.56 -5.21
N ILE C 177 -10.25 -15.86 -5.22
CA ILE C 177 -9.28 -15.07 -4.49
C ILE C 177 -8.04 -14.69 -5.30
N HIS C 178 -7.49 -13.51 -5.00
CA HIS C 178 -6.27 -13.01 -5.63
C HIS C 178 -5.24 -12.84 -4.54
N PHE C 179 -3.97 -12.65 -4.92
CA PHE C 179 -2.89 -12.51 -3.95
C PHE C 179 -1.90 -11.41 -4.32
N ALA C 180 -1.30 -10.81 -3.30
CA ALA C 180 -0.29 -9.77 -3.48
C ALA C 180 0.72 -10.00 -2.35
N ASP C 181 2.00 -10.12 -2.68
CA ASP C 181 2.98 -10.32 -1.64
C ASP C 181 3.24 -8.97 -0.96
N ASP C 182 3.79 -8.99 0.25
CA ASP C 182 4.06 -7.76 0.98
C ASP C 182 5.01 -6.83 0.24
N GLU C 183 5.93 -7.40 -0.53
CA GLU C 183 6.88 -6.60 -1.28
C GLU C 183 6.22 -5.92 -2.48
N ARG C 184 4.97 -6.27 -2.73
CA ARG C 184 4.22 -5.72 -3.85
C ARG C 184 4.98 -5.86 -5.16
N ALA C 185 5.45 -7.08 -5.44
CA ALA C 185 6.19 -7.36 -6.66
C ALA C 185 5.75 -8.67 -7.32
N TYR C 186 4.86 -9.40 -6.64
CA TYR C 186 4.35 -10.67 -7.15
C TYR C 186 2.91 -10.90 -6.71
N GLY C 187 2.12 -11.47 -7.60
CA GLY C 187 0.73 -11.73 -7.27
C GLY C 187 -0.08 -12.15 -8.47
N GLY C 188 -1.37 -12.37 -8.25
CA GLY C 188 -2.26 -12.78 -9.32
C GLY C 188 -3.47 -13.53 -8.79
N HIS C 189 -4.15 -14.24 -9.67
CA HIS C 189 -5.34 -15.02 -9.33
C HIS C 189 -4.83 -16.33 -8.71
N VAL C 190 -5.25 -16.61 -7.48
CA VAL C 190 -4.79 -17.81 -6.79
C VAL C 190 -5.39 -19.11 -7.28
N LEU C 191 -4.54 -20.05 -7.66
CA LEU C 191 -4.99 -21.35 -8.13
C LEU C 191 -4.77 -22.42 -7.05
N ASP C 192 -3.82 -22.20 -6.15
CA ASP C 192 -3.53 -23.16 -5.09
C ASP C 192 -2.59 -22.52 -4.07
N PHE C 193 -2.64 -22.97 -2.82
CA PHE C 193 -1.75 -22.43 -1.80
C PHE C 193 -1.73 -23.30 -0.56
N GLU C 194 -0.72 -23.06 0.28
CA GLU C 194 -0.55 -23.79 1.52
C GLU C 194 -0.08 -22.77 2.55
N VAL C 195 -0.86 -22.56 3.60
CA VAL C 195 -0.49 -21.59 4.61
C VAL C 195 0.52 -22.13 5.61
N ASP C 196 1.37 -21.24 6.11
CA ASP C 196 2.36 -21.62 7.10
C ASP C 196 1.76 -21.14 8.42
N ASP C 197 1.65 -19.82 8.55
CA ASP C 197 1.07 -19.16 9.72
C ASP C 197 0.36 -17.91 9.24
N VAL C 198 -0.96 -17.91 9.29
CA VAL C 198 -1.74 -16.77 8.82
C VAL C 198 -2.88 -16.41 9.74
N VAL C 199 -3.46 -15.24 9.49
CA VAL C 199 -4.61 -14.75 10.23
C VAL C 199 -5.73 -14.60 9.21
N VAL C 200 -6.91 -15.12 9.54
CA VAL C 200 -8.03 -15.04 8.63
C VAL C 200 -9.10 -14.10 9.14
N GLU C 201 -9.59 -13.24 8.26
CA GLU C 201 -10.64 -12.29 8.59
C GLU C 201 -11.78 -12.49 7.60
N ILE C 202 -13.00 -12.58 8.12
CA ILE C 202 -14.17 -12.77 7.28
C ILE C 202 -15.23 -11.70 7.51
N GLN C 203 -15.98 -11.43 6.45
CA GLN C 203 -17.09 -10.48 6.49
C GLN C 203 -18.23 -11.16 5.77
N ASN C 204 -19.40 -11.22 6.40
CA ASN C 204 -20.57 -11.85 5.82
C ASN C 204 -21.48 -10.77 5.22
N PHE C 205 -22.01 -11.01 4.03
CA PHE C 205 -22.87 -10.03 3.38
C PHE C 205 -24.37 -10.27 3.46
N GLU C 206 -25.11 -9.19 3.67
CA GLU C 206 -26.56 -9.25 3.73
C GLU C 206 -27.13 -8.71 2.42
N THR C 207 -26.32 -7.90 1.73
CA THR C 207 -26.75 -7.30 0.48
C THR C 207 -25.73 -7.44 -0.63
N PHE C 208 -26.21 -7.83 -1.82
CA PHE C 208 -25.37 -7.96 -3.01
C PHE C 208 -25.83 -6.85 -3.95
N GLN C 209 -24.94 -5.91 -4.26
CA GLN C 209 -25.29 -4.80 -5.15
C GLN C 209 -24.63 -4.99 -6.51
N GLN C 210 -25.44 -5.34 -7.50
CA GLN C 210 -24.94 -5.59 -8.84
C GLN C 210 -25.14 -4.40 -9.78
N HIS C 211 -24.04 -3.81 -10.23
CA HIS C 211 -24.10 -2.66 -11.14
C HIS C 211 -23.80 -3.09 -12.58
N PHE C 212 -24.51 -2.50 -13.53
CA PHE C 212 -24.37 -2.81 -14.95
C PHE C 212 -23.94 -1.57 -15.71
N PRO C 213 -23.08 -1.74 -16.75
CA PRO C 213 -22.59 -0.62 -17.55
C PRO C 213 -23.61 -0.20 -18.63
N VAL C 214 -24.66 0.50 -18.20
CA VAL C 214 -25.73 0.93 -19.11
C VAL C 214 -25.30 1.96 -20.16
N ASN C 215 -24.15 2.59 -19.96
CA ASN C 215 -23.66 3.58 -20.92
C ASN C 215 -22.65 2.98 -21.90
N ASN C 216 -22.42 1.68 -21.82
CA ASN C 216 -21.50 1.03 -22.74
C ASN C 216 -22.34 0.41 -23.86
N GLU C 217 -22.27 0.99 -25.04
CA GLU C 217 -23.06 0.50 -26.17
C GLU C 217 -22.86 -0.97 -26.50
N THR C 218 -21.62 -1.43 -26.49
CA THR C 218 -21.37 -2.83 -26.82
C THR C 218 -22.13 -3.78 -25.89
N PHE C 219 -22.05 -3.55 -24.59
CA PHE C 219 -22.75 -4.43 -23.65
C PHE C 219 -24.26 -4.37 -23.82
N VAL C 220 -24.81 -3.16 -23.92
CA VAL C 220 -26.25 -3.02 -24.04
C VAL C 220 -26.82 -3.60 -25.32
N LYS C 221 -26.08 -3.50 -26.42
CA LYS C 221 -26.56 -4.01 -27.71
C LYS C 221 -26.15 -5.44 -28.02
N ALA C 222 -25.20 -5.96 -27.27
CA ALA C 222 -24.70 -7.30 -27.54
C ALA C 222 -25.66 -8.46 -27.43
N LYS C 223 -25.44 -9.45 -28.27
CA LYS C 223 -26.20 -10.70 -28.25
C LYS C 223 -25.16 -11.58 -27.57
N ILE C 224 -25.34 -11.80 -26.27
CA ILE C 224 -24.38 -12.56 -25.49
C ILE C 224 -24.70 -14.05 -25.49
N ASP C 225 -23.72 -14.86 -25.90
CA ASP C 225 -23.88 -16.30 -25.94
C ASP C 225 -23.26 -16.94 -24.70
N TYR C 226 -24.09 -17.55 -23.87
CA TYR C 226 -23.61 -18.17 -22.64
C TYR C 226 -23.45 -19.69 -22.71
N LYS C 227 -23.54 -20.26 -23.91
CA LYS C 227 -23.39 -21.70 -24.02
C LYS C 227 -22.11 -22.18 -23.35
N ASP C 228 -22.24 -23.17 -22.48
CA ASP C 228 -21.12 -23.77 -21.76
C ASP C 228 -20.38 -22.85 -20.78
N VAL C 229 -20.89 -21.64 -20.54
CA VAL C 229 -20.22 -20.72 -19.63
C VAL C 229 -20.04 -21.28 -18.22
N ALA C 230 -21.08 -21.92 -17.70
CA ALA C 230 -20.99 -22.49 -16.35
C ALA C 230 -19.81 -23.44 -16.25
N GLU C 231 -19.57 -24.23 -17.29
CA GLU C 231 -18.47 -25.18 -17.31
C GLU C 231 -17.14 -24.46 -17.51
N GLU C 232 -17.11 -23.53 -18.45
CA GLU C 232 -15.89 -22.79 -18.73
C GLU C 232 -15.39 -22.04 -17.49
N ILE C 233 -16.31 -21.51 -16.70
CA ILE C 233 -15.92 -20.78 -15.49
C ILE C 233 -15.14 -21.71 -14.56
N ARG C 234 -15.67 -22.92 -14.36
CA ARG C 234 -15.01 -23.88 -13.50
C ARG C 234 -13.65 -24.31 -14.05
N GLU C 235 -13.50 -24.33 -15.37
CA GLU C 235 -12.23 -24.71 -15.95
C GLU C 235 -11.21 -23.56 -15.84
N ALA C 236 -11.69 -22.34 -16.01
CA ALA C 236 -10.83 -21.17 -15.97
C ALA C 236 -10.43 -20.64 -14.60
N GLU C 237 -11.32 -20.79 -13.63
CA GLU C 237 -11.10 -20.28 -12.28
C GLU C 237 -10.31 -21.20 -11.35
N ASN D 6 -31.88 3.90 -11.31
CA ASN D 6 -33.02 2.93 -11.27
C ASN D 6 -32.53 1.65 -10.60
N VAL D 7 -33.15 1.32 -9.46
CA VAL D 7 -32.76 0.12 -8.71
C VAL D 7 -33.86 -0.92 -8.55
N LEU D 8 -33.55 -2.16 -8.91
CA LEU D 8 -34.50 -3.26 -8.77
C LEU D 8 -34.15 -3.94 -7.45
N TYR D 9 -35.12 -4.02 -6.54
CA TYR D 9 -34.89 -4.63 -5.24
C TYR D 9 -35.46 -6.03 -5.17
N GLN D 10 -34.66 -6.98 -4.69
CA GLN D 10 -35.11 -8.35 -4.57
C GLN D 10 -34.78 -8.91 -3.19
N HIS D 11 -35.79 -9.52 -2.56
CA HIS D 11 -35.60 -10.15 -1.26
C HIS D 11 -35.67 -11.65 -1.48
N GLY D 12 -34.57 -12.34 -1.23
CA GLY D 12 -34.55 -13.77 -1.44
C GLY D 12 -34.42 -14.04 -2.92
N THR D 13 -34.45 -15.31 -3.32
CA THR D 13 -34.33 -15.65 -4.73
C THR D 13 -35.34 -16.69 -5.16
N LEU D 14 -35.61 -16.74 -6.46
CA LEU D 14 -36.56 -17.69 -6.98
C LEU D 14 -36.00 -19.11 -6.81
N GLY D 15 -34.72 -19.25 -7.10
CA GLY D 15 -34.07 -20.55 -6.99
C GLY D 15 -34.16 -21.19 -5.61
N THR D 16 -33.92 -20.41 -4.58
CA THR D 16 -33.98 -20.93 -3.22
C THR D 16 -35.43 -21.25 -2.87
N LEU D 17 -36.36 -20.45 -3.39
CA LEU D 17 -37.78 -20.70 -3.14
C LEU D 17 -38.11 -22.06 -3.77
N MSE D 18 -37.69 -22.25 -5.02
CA MSE D 18 -37.93 -23.48 -5.77
C MSE D 18 -37.34 -24.70 -5.07
O MSE D 18 -37.87 -25.81 -5.19
CB MSE D 18 -37.32 -23.38 -7.17
CG MSE D 18 -38.00 -22.40 -8.11
SE MSE D 18 -39.77 -22.96 -8.68
CE MSE D 18 -39.36 -24.63 -9.51
N ALA D 19 -36.23 -24.50 -4.37
CA ALA D 19 -35.55 -25.58 -3.66
C ALA D 19 -36.29 -26.05 -2.42
N GLY D 20 -37.32 -25.31 -2.01
CA GLY D 20 -38.10 -25.72 -0.85
C GLY D 20 -38.10 -24.83 0.37
N LEU D 21 -37.32 -23.75 0.38
CA LEU D 21 -37.32 -22.86 1.53
C LEU D 21 -38.45 -21.85 1.36
N LEU D 22 -39.60 -22.18 1.94
CA LEU D 22 -40.79 -21.34 1.82
C LEU D 22 -41.12 -20.48 3.05
N GLU D 23 -40.28 -20.55 4.08
CA GLU D 23 -40.50 -19.75 5.29
C GLU D 23 -40.52 -18.26 4.93
N GLY D 24 -41.41 -17.50 5.54
CA GLY D 24 -41.49 -16.07 5.27
C GLY D 24 -40.36 -15.37 6.01
N THR D 25 -39.68 -14.45 5.35
CA THR D 25 -38.54 -13.78 5.98
C THR D 25 -38.54 -12.27 5.94
N ALA D 26 -39.56 -11.68 5.33
CA ALA D 26 -39.68 -10.23 5.27
C ALA D 26 -41.16 -9.95 5.25
N THR D 27 -41.56 -8.79 5.76
CA THR D 27 -42.97 -8.47 5.79
C THR D 27 -43.37 -7.62 4.59
N ILE D 28 -44.66 -7.58 4.29
CA ILE D 28 -45.16 -6.77 3.17
C ILE D 28 -44.76 -5.32 3.37
N ASN D 29 -44.96 -4.80 4.58
CA ASN D 29 -44.61 -3.43 4.89
C ASN D 29 -43.14 -3.14 4.61
N GLU D 30 -42.25 -4.06 4.99
CA GLU D 30 -40.83 -3.85 4.74
C GLU D 30 -40.53 -3.72 3.26
N LEU D 31 -41.12 -4.59 2.44
CA LEU D 31 -40.90 -4.54 1.00
C LEU D 31 -41.43 -3.24 0.38
N LEU D 32 -42.57 -2.78 0.87
CA LEU D 32 -43.18 -1.55 0.36
C LEU D 32 -42.30 -0.33 0.60
N GLU D 33 -41.32 -0.48 1.49
CA GLU D 33 -40.39 0.61 1.76
C GLU D 33 -39.39 0.71 0.61
N HIS D 34 -39.33 -0.32 -0.23
CA HIS D 34 -38.39 -0.35 -1.36
C HIS D 34 -39.05 -0.18 -2.73
N GLY D 35 -40.38 -0.06 -2.76
CA GLY D 35 -41.02 0.10 -4.05
C GLY D 35 -42.53 0.13 -4.01
N ASN D 36 -43.12 0.32 -5.19
CA ASN D 36 -44.57 0.38 -5.30
C ASN D 36 -45.09 -0.51 -6.43
N LEU D 37 -44.18 -1.23 -7.09
CA LEU D 37 -44.55 -2.13 -8.17
C LEU D 37 -43.73 -3.40 -8.09
N GLY D 38 -44.38 -4.56 -8.13
CA GLY D 38 -43.63 -5.81 -8.04
C GLY D 38 -44.48 -7.06 -7.87
N ILE D 39 -43.80 -8.16 -7.56
CA ILE D 39 -44.43 -9.46 -7.39
C ILE D 39 -43.82 -10.21 -6.22
N ALA D 40 -44.57 -11.16 -5.69
CA ALA D 40 -44.10 -11.97 -4.57
C ALA D 40 -45.07 -13.10 -4.28
N THR D 41 -44.91 -13.71 -3.12
CA THR D 41 -45.77 -14.79 -2.64
C THR D 41 -45.62 -14.73 -1.12
N LEU D 42 -46.46 -15.45 -0.40
CA LEU D 42 -46.39 -15.46 1.05
C LEU D 42 -45.80 -16.76 1.57
N THR D 43 -45.69 -16.87 2.89
CA THR D 43 -45.17 -18.05 3.56
C THR D 43 -45.78 -19.31 2.96
N GLY D 44 -44.93 -20.32 2.75
CA GLY D 44 -45.37 -21.58 2.17
C GLY D 44 -45.69 -21.40 0.70
N SER D 45 -45.22 -20.30 0.15
CA SER D 45 -45.46 -19.93 -1.25
C SER D 45 -46.96 -19.94 -1.50
N ASP D 46 -47.69 -19.40 -0.52
CA ASP D 46 -49.13 -19.32 -0.59
C ASP D 46 -49.60 -18.21 -1.50
N GLY D 47 -50.00 -18.58 -2.71
CA GLY D 47 -50.54 -17.61 -3.64
C GLY D 47 -49.67 -16.64 -4.40
N GLU D 48 -50.34 -15.59 -4.85
CA GLU D 48 -49.70 -14.57 -5.66
C GLU D 48 -49.86 -13.19 -5.06
N VAL D 49 -48.74 -12.50 -4.87
CA VAL D 49 -48.77 -11.16 -4.35
C VAL D 49 -48.50 -10.24 -5.53
N ILE D 50 -49.28 -9.16 -5.61
CA ILE D 50 -49.12 -8.18 -6.66
C ILE D 50 -48.98 -6.81 -6.01
N PHE D 51 -47.84 -6.14 -6.22
CA PHE D 51 -47.64 -4.81 -5.68
C PHE D 51 -48.01 -3.90 -6.86
N LEU D 52 -49.06 -3.11 -6.69
CA LEU D 52 -49.53 -2.24 -7.75
C LEU D 52 -49.92 -0.88 -7.23
N ASP D 53 -49.33 0.16 -7.82
CA ASP D 53 -49.58 1.53 -7.41
C ASP D 53 -49.46 1.72 -5.90
N GLY D 54 -48.43 1.11 -5.32
CA GLY D 54 -48.20 1.26 -3.88
C GLY D 54 -49.01 0.40 -2.94
N LYS D 55 -49.89 -0.44 -3.47
CA LYS D 55 -50.70 -1.31 -2.63
C LYS D 55 -50.28 -2.76 -2.87
N ALA D 56 -50.52 -3.61 -1.87
CA ALA D 56 -50.16 -5.02 -1.97
C ALA D 56 -51.40 -5.90 -1.93
N TYR D 57 -51.58 -6.68 -3.00
CA TYR D 57 -52.72 -7.57 -3.14
C TYR D 57 -52.26 -9.03 -3.13
N HIS D 58 -53.15 -9.90 -2.68
CA HIS D 58 -52.88 -11.33 -2.61
C HIS D 58 -54.03 -12.15 -3.18
N ALA D 59 -53.72 -12.99 -4.16
CA ALA D 59 -54.70 -13.88 -4.79
C ALA D 59 -54.28 -15.30 -4.44
N ASN D 60 -55.19 -16.08 -3.86
CA ASN D 60 -54.81 -17.45 -3.50
C ASN D 60 -55.53 -18.54 -4.29
N GLU D 61 -55.19 -19.78 -3.96
CA GLU D 61 -55.75 -20.97 -4.61
C GLU D 61 -57.24 -21.15 -4.43
N HIS D 62 -57.83 -20.41 -3.49
CA HIS D 62 -59.26 -20.53 -3.21
C HIS D 62 -60.06 -19.42 -3.88
N LYS D 63 -59.42 -18.77 -4.84
CA LYS D 63 -60.02 -17.67 -5.59
C LYS D 63 -60.28 -16.43 -4.74
N GLU D 64 -59.61 -16.34 -3.59
CA GLU D 64 -59.77 -15.16 -2.73
C GLU D 64 -58.78 -14.10 -3.22
N PHE D 65 -59.20 -12.84 -3.17
CA PHE D 65 -58.36 -11.73 -3.60
C PHE D 65 -58.58 -10.58 -2.64
N ILE D 66 -57.52 -10.19 -1.93
CA ILE D 66 -57.63 -9.10 -0.97
C ILE D 66 -56.38 -8.24 -0.90
N GLU D 67 -56.54 -7.06 -0.32
CA GLU D 67 -55.41 -6.18 -0.13
C GLU D 67 -54.83 -6.66 1.20
N LEU D 68 -53.52 -6.88 1.22
CA LEU D 68 -52.83 -7.35 2.41
C LEU D 68 -52.81 -6.30 3.52
N LYS D 69 -52.72 -6.78 4.75
CA LYS D 69 -52.68 -5.90 5.91
C LYS D 69 -51.31 -5.25 6.05
N GLY D 70 -50.26 -5.99 5.68
CA GLY D 70 -48.92 -5.44 5.76
C GLY D 70 -47.97 -6.24 6.63
N ASP D 71 -48.53 -7.03 7.55
CA ASP D 71 -47.70 -7.83 8.44
C ASP D 71 -47.47 -9.25 7.96
N GLU D 72 -48.07 -9.61 6.83
CA GLU D 72 -47.89 -10.95 6.27
C GLU D 72 -46.42 -11.08 5.84
N LYS D 73 -45.86 -12.28 5.93
CA LYS D 73 -44.46 -12.47 5.57
C LYS D 73 -44.27 -13.13 4.21
N VAL D 74 -43.16 -12.77 3.54
CA VAL D 74 -42.85 -13.31 2.23
C VAL D 74 -41.47 -13.96 2.16
N PRO D 75 -41.36 -15.08 1.42
CA PRO D 75 -40.09 -15.81 1.27
C PRO D 75 -39.28 -15.31 0.09
N TYR D 76 -39.94 -14.64 -0.85
CA TYR D 76 -39.29 -14.13 -2.06
C TYR D 76 -40.13 -12.99 -2.62
N ALA D 77 -39.45 -11.93 -3.06
CA ALA D 77 -40.15 -10.77 -3.62
C ALA D 77 -39.22 -9.90 -4.45
N SER D 78 -39.82 -9.23 -5.43
CA SER D 78 -39.09 -8.32 -6.31
C SER D 78 -39.96 -7.08 -6.38
N ILE D 79 -39.37 -5.91 -6.14
CA ILE D 79 -40.15 -4.68 -6.13
C ILE D 79 -39.29 -3.50 -6.57
N THR D 80 -39.94 -2.44 -7.04
CA THR D 80 -39.23 -1.25 -7.49
C THR D 80 -40.03 0.04 -7.33
N ASN D 81 -39.33 1.15 -7.21
CA ASN D 81 -39.98 2.46 -7.16
C ASN D 81 -40.09 2.74 -8.65
N PHE D 82 -41.21 2.31 -9.22
CA PHE D 82 -41.45 2.43 -10.65
C PHE D 82 -41.48 3.83 -11.23
N LYS D 83 -40.67 4.02 -12.27
CA LYS D 83 -40.57 5.29 -12.98
C LYS D 83 -40.31 4.94 -14.43
N ALA D 84 -41.35 5.04 -15.25
CA ALA D 84 -41.25 4.73 -16.67
C ALA D 84 -40.29 5.66 -17.42
N SER D 85 -39.49 5.08 -18.30
CA SER D 85 -38.58 5.87 -19.12
C SER D 85 -39.09 5.84 -20.56
N LYS D 86 -39.91 4.83 -20.85
CA LYS D 86 -40.50 4.67 -22.17
C LYS D 86 -41.95 4.25 -22.03
N THR D 87 -42.84 4.92 -22.75
CA THR D 87 -44.27 4.63 -22.72
C THR D 87 -44.77 4.48 -24.16
N PHE D 88 -45.62 3.47 -24.41
CA PHE D 88 -46.17 3.25 -25.75
C PHE D 88 -47.40 2.35 -25.74
N PRO D 89 -48.33 2.59 -26.66
CA PRO D 89 -49.56 1.79 -26.73
C PRO D 89 -49.42 0.52 -27.57
N LEU D 90 -50.29 -0.44 -27.32
CA LEU D 90 -50.32 -1.68 -28.08
C LEU D 90 -51.78 -2.12 -28.16
N GLN D 91 -52.17 -2.73 -29.27
CA GLN D 91 -53.53 -3.20 -29.39
C GLN D 91 -53.65 -4.49 -30.19
N GLN D 92 -54.53 -5.36 -29.72
CA GLN D 92 -54.80 -6.63 -30.35
C GLN D 92 -53.55 -7.44 -30.66
N LEU D 93 -52.84 -7.85 -29.62
CA LEU D 93 -51.64 -8.63 -29.75
C LEU D 93 -51.59 -9.75 -28.71
N SER D 94 -51.07 -10.90 -29.10
CA SER D 94 -50.96 -12.04 -28.20
C SER D 94 -49.77 -11.80 -27.27
N GLN D 95 -49.67 -12.60 -26.22
CA GLN D 95 -48.59 -12.48 -25.27
C GLN D 95 -47.20 -12.44 -25.94
N ASP D 96 -46.93 -13.38 -26.84
CA ASP D 96 -45.64 -13.40 -27.51
C ASP D 96 -45.34 -12.15 -28.34
N ASP D 97 -46.32 -11.62 -29.05
CA ASP D 97 -46.08 -10.41 -29.85
C ASP D 97 -45.89 -9.22 -28.92
N VAL D 98 -46.56 -9.23 -27.77
CA VAL D 98 -46.42 -8.15 -26.81
C VAL D 98 -45.02 -8.20 -26.23
N PHE D 99 -44.58 -9.41 -25.89
CA PHE D 99 -43.25 -9.60 -25.32
C PHE D 99 -42.18 -9.19 -26.34
N ALA D 100 -42.42 -9.50 -27.61
CA ALA D 100 -41.48 -9.14 -28.66
C ALA D 100 -41.35 -7.62 -28.76
N GLN D 101 -42.48 -6.92 -28.61
CA GLN D 101 -42.47 -5.46 -28.67
C GLN D 101 -41.68 -4.91 -27.49
N ILE D 102 -41.99 -5.38 -26.29
CA ILE D 102 -41.29 -4.92 -25.09
C ILE D 102 -39.79 -5.16 -25.25
N LYS D 103 -39.39 -6.33 -25.73
CA LYS D 103 -37.97 -6.60 -25.92
C LYS D 103 -37.37 -5.62 -26.93
N ASN D 104 -38.21 -5.13 -27.84
CA ASN D 104 -37.76 -4.17 -28.84
C ASN D 104 -37.59 -2.77 -28.24
N GLU D 105 -38.46 -2.43 -27.29
CA GLU D 105 -38.42 -1.10 -26.68
C GLU D 105 -37.50 -0.95 -25.47
N MSE D 106 -37.23 -2.04 -24.76
CA MSE D 106 -36.36 -1.98 -23.60
C MSE D 106 -34.96 -1.57 -24.03
O MSE D 106 -34.61 -1.72 -25.20
CB MSE D 106 -36.31 -3.35 -22.90
CG MSE D 106 -35.66 -4.46 -23.72
SE MSE D 106 -35.51 -6.13 -22.73
CE MSE D 106 -35.28 -7.36 -24.18
N LEU D 107 -34.18 -1.06 -23.09
CA LEU D 107 -32.81 -0.65 -23.39
C LEU D 107 -31.95 -1.84 -23.82
N SER D 108 -32.06 -2.95 -23.09
CA SER D 108 -31.25 -4.13 -23.42
C SER D 108 -31.76 -5.42 -22.79
N GLU D 109 -31.63 -6.52 -23.52
CA GLU D 109 -32.06 -7.81 -23.00
C GLU D 109 -31.00 -8.34 -22.03
N ASN D 110 -29.88 -7.63 -21.91
CA ASN D 110 -28.82 -8.03 -21.00
C ASN D 110 -28.97 -7.31 -19.66
N LEU D 111 -30.07 -6.57 -19.52
CA LEU D 111 -30.34 -5.82 -18.29
C LEU D 111 -31.68 -6.21 -17.68
N PHE D 112 -31.86 -5.88 -16.41
CA PHE D 112 -33.13 -6.12 -15.73
C PHE D 112 -34.01 -4.93 -16.14
N SER D 113 -35.32 -5.15 -16.21
CA SER D 113 -36.25 -4.09 -16.53
C SER D 113 -37.60 -4.42 -15.89
N ALA D 114 -38.39 -3.37 -15.64
CA ALA D 114 -39.71 -3.55 -15.05
C ALA D 114 -40.74 -3.12 -16.08
N VAL D 115 -41.92 -3.74 -16.06
CA VAL D 115 -42.96 -3.40 -17.01
C VAL D 115 -44.33 -3.27 -16.34
N LYS D 116 -45.17 -2.42 -16.93
CA LYS D 116 -46.54 -2.23 -16.46
C LYS D 116 -47.37 -2.16 -17.73
N ILE D 117 -48.36 -3.03 -17.83
CA ILE D 117 -49.24 -3.07 -19.00
C ILE D 117 -50.65 -2.87 -18.47
N TYR D 118 -51.20 -1.67 -18.70
CA TYR D 118 -52.52 -1.34 -18.21
C TYR D 118 -53.56 -1.08 -19.30
N GLY D 119 -54.75 -1.62 -19.11
CA GLY D 119 -55.82 -1.42 -20.08
C GLY D 119 -56.78 -2.60 -20.17
N THR D 120 -57.33 -2.81 -21.35
CA THR D 120 -58.28 -3.89 -21.57
C THR D 120 -57.59 -5.09 -22.21
N PHE D 121 -57.95 -6.28 -21.74
CA PHE D 121 -57.36 -7.51 -22.25
C PHE D 121 -58.41 -8.42 -22.85
N LYS D 122 -58.20 -8.86 -24.08
CA LYS D 122 -59.13 -9.77 -24.72
C LYS D 122 -59.16 -11.08 -23.94
N HIS D 123 -57.99 -11.52 -23.48
CA HIS D 123 -57.86 -12.76 -22.71
C HIS D 123 -56.86 -12.63 -21.57
N MSE D 124 -57.16 -13.28 -20.44
CA MSE D 124 -56.27 -13.28 -19.28
C MSE D 124 -56.25 -14.71 -18.74
O MSE D 124 -57.31 -15.30 -18.51
CB MSE D 124 -56.76 -12.33 -18.19
CG MSE D 124 -55.74 -11.26 -17.77
SE MSE D 124 -53.91 -11.87 -17.44
CE MSE D 124 -54.17 -12.70 -15.72
N HIS D 125 -55.05 -15.24 -18.53
CA HIS D 125 -54.89 -16.61 -18.04
C HIS D 125 -53.89 -16.60 -16.88
N VAL D 126 -54.37 -16.90 -15.68
CA VAL D 126 -53.52 -16.88 -14.52
C VAL D 126 -53.56 -18.16 -13.68
N ARG D 127 -52.53 -18.32 -12.86
CA ARG D 127 -52.43 -19.45 -11.94
C ARG D 127 -52.27 -18.84 -10.55
N MSE D 128 -52.69 -19.59 -9.53
CA MSE D 128 -52.56 -19.13 -8.14
C MSE D 128 -51.82 -20.23 -7.38
O MSE D 128 -52.42 -21.26 -7.04
CB MSE D 128 -53.93 -18.88 -7.51
CG MSE D 128 -54.81 -17.89 -8.25
SE MSE D 128 -55.85 -18.75 -9.64
CE MSE D 128 -57.23 -19.57 -8.54
N MSE D 129 -50.54 -20.02 -7.12
CA MSE D 129 -49.75 -21.03 -6.42
C MSE D 129 -50.42 -21.54 -5.17
O MSE D 129 -50.72 -20.78 -4.25
CB MSE D 129 -48.38 -20.48 -6.03
CG MSE D 129 -47.31 -20.72 -7.06
SE MSE D 129 -46.97 -22.60 -7.41
CE MSE D 129 -45.38 -22.33 -8.47
N PRO D 130 -50.68 -22.86 -5.12
CA PRO D 130 -51.32 -23.44 -3.94
C PRO D 130 -50.32 -23.45 -2.80
N ALA D 131 -50.80 -23.17 -1.59
CA ALA D 131 -49.94 -23.14 -0.42
C ALA D 131 -49.46 -24.53 -0.02
N GLN D 132 -48.28 -24.58 0.56
CA GLN D 132 -47.71 -25.82 1.06
C GLN D 132 -47.64 -25.68 2.57
N GLN D 133 -47.86 -26.77 3.30
CA GLN D 133 -47.74 -26.73 4.74
C GLN D 133 -46.44 -27.45 5.08
N PRO D 134 -45.76 -27.05 6.16
CA PRO D 134 -44.51 -27.71 6.54
C PRO D 134 -44.80 -29.18 6.82
N PRO D 135 -43.80 -30.07 6.60
CA PRO D 135 -42.46 -29.77 6.09
C PRO D 135 -42.54 -29.47 4.60
N TYR D 136 -41.87 -28.40 4.19
CA TYR D 136 -41.88 -27.99 2.78
C TYR D 136 -41.09 -28.89 1.85
N THR D 137 -41.58 -29.03 0.62
CA THR D 137 -40.89 -29.81 -0.41
C THR D 137 -40.62 -28.87 -1.58
N ARG D 138 -39.95 -29.36 -2.62
CA ARG D 138 -39.63 -28.54 -3.78
C ARG D 138 -40.90 -27.86 -4.31
N LEU D 139 -40.77 -26.60 -4.73
CA LEU D 139 -41.91 -25.84 -5.20
C LEU D 139 -42.59 -26.38 -6.45
N ILE D 140 -41.83 -27.02 -7.33
CA ILE D 140 -42.41 -27.56 -8.55
C ILE D 140 -43.60 -28.48 -8.22
N ASP D 141 -43.60 -29.06 -7.02
CA ASP D 141 -44.71 -29.93 -6.62
C ASP D 141 -45.99 -29.11 -6.55
N SER D 142 -45.89 -27.87 -6.09
CA SER D 142 -47.07 -27.01 -5.98
C SER D 142 -47.52 -26.54 -7.36
N ALA D 143 -46.55 -26.13 -8.19
CA ALA D 143 -46.84 -25.66 -9.53
C ALA D 143 -47.64 -26.67 -10.34
N ARG D 144 -47.25 -27.94 -10.27
CA ARG D 144 -47.93 -29.00 -11.01
C ARG D 144 -49.40 -29.18 -10.67
N ARG D 145 -49.80 -28.83 -9.45
CA ARG D 145 -51.19 -28.97 -9.04
C ARG D 145 -51.88 -27.62 -8.86
N GLN D 146 -51.34 -26.59 -9.49
CA GLN D 146 -51.88 -25.24 -9.37
C GLN D 146 -53.23 -25.01 -10.04
N PRO D 147 -54.12 -24.24 -9.38
CA PRO D 147 -55.42 -23.97 -9.98
C PRO D 147 -55.17 -22.84 -10.99
N GLU D 148 -55.98 -22.78 -12.05
CA GLU D 148 -55.83 -21.76 -13.07
C GLU D 148 -57.21 -21.21 -13.45
N GLU D 149 -57.25 -19.91 -13.77
CA GLU D 149 -58.51 -19.29 -14.16
C GLU D 149 -58.33 -18.35 -15.34
N LYS D 150 -59.23 -18.48 -16.31
CA LYS D 150 -59.20 -17.63 -17.50
C LYS D 150 -60.39 -16.70 -17.50
N ARG D 151 -60.20 -15.49 -18.02
CA ARG D 151 -61.25 -14.49 -18.12
C ARG D 151 -61.10 -13.87 -19.50
N GLN D 152 -62.16 -13.20 -19.98
CA GLN D 152 -62.14 -12.55 -21.30
C GLN D 152 -62.60 -11.09 -21.15
N ASP D 153 -62.09 -10.22 -22.01
CA ASP D 153 -62.44 -8.80 -22.03
C ASP D 153 -62.47 -8.21 -20.61
N ILE D 154 -61.30 -8.20 -19.97
CA ILE D 154 -61.18 -7.71 -18.62
C ILE D 154 -60.24 -6.50 -18.55
N ARG D 155 -60.47 -5.61 -17.59
CA ARG D 155 -59.63 -4.43 -17.43
C ARG D 155 -58.77 -4.54 -16.17
N GLY D 156 -57.51 -4.16 -16.31
CA GLY D 156 -56.61 -4.22 -15.16
C GLY D 156 -55.18 -3.91 -15.55
N ALA D 157 -54.24 -4.33 -14.71
CA ALA D 157 -52.84 -4.06 -14.98
C ALA D 157 -51.93 -5.26 -14.72
N ILE D 158 -51.01 -5.47 -15.65
CA ILE D 158 -50.01 -6.52 -15.53
C ILE D 158 -48.76 -5.78 -15.05
N VAL D 159 -48.04 -6.36 -14.10
CA VAL D 159 -46.79 -5.77 -13.62
C VAL D 159 -45.79 -6.90 -13.48
N GLY D 160 -44.51 -6.59 -13.71
CA GLY D 160 -43.51 -7.63 -13.61
C GLY D 160 -42.14 -7.15 -14.00
N PHE D 161 -41.23 -8.11 -14.18
CA PHE D 161 -39.85 -7.81 -14.51
C PHE D 161 -39.28 -8.73 -15.58
N PHE D 162 -38.29 -8.22 -16.31
CA PHE D 162 -37.61 -9.01 -17.32
C PHE D 162 -36.26 -9.30 -16.68
N THR D 163 -35.86 -10.57 -16.68
CA THR D 163 -34.58 -10.95 -16.09
C THR D 163 -33.63 -11.40 -17.18
N PRO D 164 -32.42 -10.80 -17.24
CA PRO D 164 -31.45 -11.19 -18.27
C PRO D 164 -31.02 -12.65 -18.10
N GLU D 165 -30.69 -13.29 -19.22
CA GLU D 165 -30.32 -14.71 -19.22
C GLU D 165 -29.41 -15.21 -18.12
N LEU D 166 -28.28 -14.52 -17.90
CA LEU D 166 -27.31 -14.94 -16.90
C LEU D 166 -27.88 -15.04 -15.49
N PHE D 167 -28.99 -14.35 -15.24
CA PHE D 167 -29.58 -14.36 -13.92
C PHE D 167 -30.72 -15.35 -13.70
N HIS D 168 -30.85 -16.31 -14.61
CA HIS D 168 -31.87 -17.35 -14.47
C HIS D 168 -31.49 -18.11 -13.19
N GLY D 169 -32.44 -18.33 -12.30
CA GLY D 169 -32.13 -19.00 -11.06
C GLY D 169 -32.27 -18.00 -9.94
N VAL D 170 -31.62 -16.86 -10.09
CA VAL D 170 -31.72 -15.78 -9.11
C VAL D 170 -33.13 -15.26 -9.35
N GLY D 171 -33.52 -15.28 -10.62
CA GLY D 171 -34.83 -14.85 -11.04
C GLY D 171 -35.26 -15.78 -12.17
N SER D 172 -36.34 -15.45 -12.86
CA SER D 172 -36.80 -16.28 -13.96
C SER D 172 -36.41 -15.58 -15.26
N ALA D 173 -35.45 -16.14 -15.98
CA ALA D 173 -35.00 -15.53 -17.23
C ALA D 173 -36.20 -15.19 -18.10
N GLY D 174 -36.19 -14.00 -18.68
CA GLY D 174 -37.32 -13.60 -19.49
C GLY D 174 -38.32 -12.86 -18.65
N PHE D 175 -39.59 -12.92 -19.03
CA PHE D 175 -40.64 -12.20 -18.30
C PHE D 175 -41.31 -12.96 -17.16
N HIS D 176 -41.50 -12.26 -16.05
CA HIS D 176 -42.19 -12.83 -14.89
C HIS D 176 -43.18 -11.74 -14.54
N ILE D 177 -44.45 -11.99 -14.82
CA ILE D 177 -45.47 -10.99 -14.57
C ILE D 177 -46.73 -11.51 -13.85
N HIS D 178 -47.32 -10.62 -13.06
CA HIS D 178 -48.54 -10.92 -12.32
C HIS D 178 -49.62 -9.95 -12.79
N PHE D 179 -50.87 -10.22 -12.45
CA PHE D 179 -51.98 -9.38 -12.88
C PHE D 179 -52.99 -9.13 -11.77
N ALA D 180 -53.65 -7.98 -11.84
CA ALA D 180 -54.70 -7.59 -10.89
C ALA D 180 -55.70 -6.76 -11.68
N ASP D 181 -56.97 -7.13 -11.61
CA ASP D 181 -57.97 -6.38 -12.37
C ASP D 181 -58.33 -5.07 -11.66
N ASP D 182 -58.96 -4.16 -12.39
CA ASP D 182 -59.35 -2.88 -11.80
C ASP D 182 -60.35 -3.07 -10.68
N GLU D 183 -61.03 -4.20 -10.71
CA GLU D 183 -62.05 -4.54 -9.71
C GLU D 183 -61.39 -4.89 -8.38
N ARG D 184 -60.12 -5.32 -8.46
CA ARG D 184 -59.34 -5.74 -7.30
C ARG D 184 -60.02 -6.96 -6.67
N ALA D 185 -60.37 -7.92 -7.51
CA ALA D 185 -61.02 -9.15 -7.05
C ALA D 185 -60.56 -10.40 -7.81
N TYR D 186 -59.64 -10.22 -8.76
CA TYR D 186 -59.13 -11.34 -9.54
C TYR D 186 -57.71 -11.07 -10.01
N GLY D 187 -56.86 -12.10 -9.99
CA GLY D 187 -55.49 -11.92 -10.45
C GLY D 187 -54.59 -13.06 -10.05
N GLY D 188 -53.29 -12.91 -10.30
CA GLY D 188 -52.32 -13.94 -9.96
C GLY D 188 -51.11 -13.90 -10.88
N HIS D 189 -50.43 -15.03 -11.00
CA HIS D 189 -49.25 -15.16 -11.86
C HIS D 189 -49.77 -15.42 -13.28
N VAL D 190 -49.42 -14.56 -14.23
CA VAL D 190 -49.90 -14.73 -15.60
C VAL D 190 -49.17 -15.78 -16.45
N LEU D 191 -49.96 -16.65 -17.06
CA LEU D 191 -49.46 -17.71 -17.92
C LEU D 191 -49.66 -17.37 -19.40
N ASP D 192 -50.64 -16.51 -19.69
CA ASP D 192 -50.92 -16.12 -21.07
C ASP D 192 -51.92 -14.96 -21.09
N PHE D 193 -51.93 -14.20 -22.17
CA PHE D 193 -52.85 -13.07 -22.29
C PHE D 193 -52.84 -12.52 -23.71
N GLU D 194 -53.81 -11.67 -23.99
CA GLU D 194 -53.92 -11.03 -25.30
C GLU D 194 -54.48 -9.66 -25.02
N VAL D 195 -53.73 -8.62 -25.38
CA VAL D 195 -54.17 -7.26 -25.12
C VAL D 195 -55.21 -6.79 -26.13
N ASP D 196 -56.14 -5.97 -25.65
CA ASP D 196 -57.16 -5.39 -26.51
C ASP D 196 -56.62 -3.98 -26.80
N ASP D 197 -56.67 -3.11 -25.79
CA ASP D 197 -56.15 -1.75 -25.91
C ASP D 197 -55.40 -1.41 -24.61
N VAL D 198 -54.08 -1.36 -24.70
CA VAL D 198 -53.29 -1.08 -23.50
C VAL D 198 -52.16 -0.07 -23.71
N VAL D 199 -51.61 0.38 -22.59
CA VAL D 199 -50.49 1.29 -22.60
C VAL D 199 -49.38 0.54 -21.86
N VAL D 200 -48.19 0.52 -22.45
CA VAL D 200 -47.06 -0.16 -21.85
C VAL D 200 -46.03 0.85 -21.35
N GLU D 201 -45.48 0.58 -20.17
CA GLU D 201 -44.47 1.45 -19.57
C GLU D 201 -43.27 0.59 -19.20
N ILE D 202 -42.07 1.04 -19.54
CA ILE D 202 -40.87 0.28 -19.22
C ILE D 202 -39.87 1.10 -18.41
N GLN D 203 -39.22 0.43 -17.45
CA GLN D 203 -38.20 1.04 -16.62
C GLN D 203 -36.97 0.15 -16.75
N ASN D 204 -35.84 0.72 -17.18
CA ASN D 204 -34.62 -0.07 -17.33
C ASN D 204 -33.77 0.11 -16.09
N PHE D 205 -33.18 -0.98 -15.60
CA PHE D 205 -32.37 -0.92 -14.39
C PHE D 205 -30.86 -0.91 -14.61
N GLU D 206 -30.19 -0.03 -13.86
CA GLU D 206 -28.74 0.07 -13.92
C GLU D 206 -28.17 -0.69 -12.71
N THR D 207 -28.96 -0.81 -11.66
CA THR D 207 -28.54 -1.51 -10.45
C THR D 207 -29.55 -2.56 -9.99
N PHE D 208 -29.03 -3.72 -9.61
CA PHE D 208 -29.85 -4.81 -9.10
C PHE D 208 -29.39 -5.05 -7.66
N GLN D 209 -30.27 -4.75 -6.70
CA GLN D 209 -29.95 -4.89 -5.27
C GLN D 209 -30.59 -6.15 -4.66
N GLN D 210 -29.75 -7.14 -4.36
CA GLN D 210 -30.20 -8.41 -3.80
C GLN D 210 -30.01 -8.51 -2.29
N HIS D 211 -31.12 -8.68 -1.57
CA HIS D 211 -31.08 -8.78 -0.13
C HIS D 211 -31.31 -10.22 0.32
N PHE D 212 -30.58 -10.63 1.36
CA PHE D 212 -30.68 -11.97 1.91
C PHE D 212 -31.17 -11.89 3.35
N PRO D 213 -32.03 -12.84 3.76
CA PRO D 213 -32.56 -12.86 5.13
C PRO D 213 -31.53 -13.48 6.08
N VAL D 214 -30.53 -12.69 6.43
CA VAL D 214 -29.45 -13.14 7.30
C VAL D 214 -29.93 -13.46 8.71
N ASN D 215 -31.14 -12.98 9.06
CA ASN D 215 -31.67 -13.23 10.39
C ASN D 215 -32.63 -14.41 10.46
N ASN D 216 -32.79 -15.13 9.36
CA ASN D 216 -33.65 -16.31 9.34
C ASN D 216 -32.72 -17.50 9.51
N GLU D 217 -32.80 -18.17 10.64
CA GLU D 217 -31.92 -19.31 10.94
C GLU D 217 -31.97 -20.45 9.94
N THR D 218 -33.17 -20.79 9.47
CA THR D 218 -33.33 -21.87 8.51
C THR D 218 -32.55 -21.61 7.23
N PHE D 219 -32.73 -20.43 6.65
CA PHE D 219 -32.03 -20.08 5.41
C PHE D 219 -30.51 -20.11 5.60
N VAL D 220 -30.05 -19.46 6.66
CA VAL D 220 -28.62 -19.39 6.95
C VAL D 220 -27.97 -20.76 7.13
N LYS D 221 -28.63 -21.65 7.85
CA LYS D 221 -28.08 -22.98 8.15
C LYS D 221 -28.37 -24.06 7.12
N ALA D 222 -29.38 -23.83 6.28
CA ALA D 222 -29.79 -24.82 5.29
C ALA D 222 -28.79 -25.33 4.25
N LYS D 223 -28.95 -26.61 3.93
CA LYS D 223 -28.16 -27.26 2.89
C LYS D 223 -29.18 -27.20 1.76
N ILE D 224 -28.98 -26.28 0.84
CA ILE D 224 -29.92 -26.10 -0.25
C ILE D 224 -29.59 -26.92 -1.49
N ASP D 225 -30.56 -27.70 -1.95
CA ASP D 225 -30.39 -28.56 -3.12
C ASP D 225 -30.95 -27.89 -4.37
N TYR D 226 -30.05 -27.51 -5.28
CA TYR D 226 -30.46 -26.84 -6.51
C TYR D 226 -30.53 -27.76 -7.73
N LYS D 227 -30.45 -29.07 -7.51
CA LYS D 227 -30.50 -30.00 -8.63
C LYS D 227 -31.74 -29.78 -9.49
N ASP D 228 -31.51 -29.60 -10.79
CA ASP D 228 -32.59 -29.39 -11.77
C ASP D 228 -33.45 -28.15 -11.55
N VAL D 229 -32.99 -27.22 -10.72
CA VAL D 229 -33.75 -26.00 -10.44
C VAL D 229 -34.00 -25.18 -11.72
N ALA D 230 -32.98 -25.06 -12.56
CA ALA D 230 -33.12 -24.29 -13.78
C ALA D 230 -34.26 -24.81 -14.65
N GLU D 231 -34.37 -26.14 -14.74
CA GLU D 231 -35.42 -26.76 -15.53
C GLU D 231 -36.77 -26.62 -14.83
N GLU D 232 -36.78 -26.80 -13.52
CA GLU D 232 -38.01 -26.70 -12.75
C GLU D 232 -38.60 -25.29 -12.81
N ILE D 233 -37.74 -24.28 -12.87
CA ILE D 233 -38.22 -22.92 -12.96
C ILE D 233 -38.98 -22.75 -14.27
N ARG D 234 -38.39 -23.27 -15.34
CA ARG D 234 -39.01 -23.20 -16.67
C ARG D 234 -40.34 -23.95 -16.70
N GLU D 235 -40.39 -25.10 -16.05
CA GLU D 235 -41.63 -25.89 -16.04
C GLU D 235 -42.73 -25.19 -15.23
N ALA D 236 -42.38 -24.69 -14.05
CA ALA D 236 -43.36 -24.02 -13.21
C ALA D 236 -43.69 -22.63 -13.72
N GLU D 237 -42.78 -22.08 -14.53
CA GLU D 237 -42.90 -20.74 -15.09
C GLU D 237 -42.65 -19.77 -13.95
ZN ZN E . 10.10 12.84 3.56
ZN ZN F . 43.68 4.82 13.90
ZN ZN G . -9.62 -13.80 -10.72
ZN ZN H . -44.98 -15.47 -10.04
#